data_7FSV
#
_entry.id   7FSV
#
_cell.length_a   80.911
_cell.length_b   49.208
_cell.length_c   114.396
_cell.angle_alpha   90.000
_cell.angle_beta   95.350
_cell.angle_gamma   90.000
#
_symmetry.space_group_name_H-M   'P 1 21 1'
#
loop_
_entity.id
_entity.type
_entity.pdbx_description
1 polymer Syntenin-1
2 non-polymer N-[(2-fluorophenyl)methyl]-1H-pyrazol-4-amine
3 non-polymer 1,2-ETHANEDIOL
4 non-polymer 'D-GLUTAMIC ACID'
5 non-polymer GLYCINE
6 non-polymer 'SULFATE ION'
7 non-polymer ALANINE
8 water water
#
_entity_poly.entity_id   1
_entity_poly.type   'polypeptide(L)'
_entity_poly.pdbx_seq_one_letter_code
;SMAEIKQGIREVILCKDQDGKIGLRLKSIDNGIFVQLVQANSPASLVGLRFGDQVLQINGENCAGWSSDKAHKVLKQAFG
EKITMTIRDRPFERTITMHKDSTGHVGFIFKNGKITSIVKDSSAARNGLLTEHNICEINGQNVIGLKDSQIADILSTSGT
VVTITIMPAFIFEHIIKRMAPSIMKSLMDHTIPEV
;
_entity_poly.pdbx_strand_id   A,B,C,D
#
loop_
_chem_comp.id
_chem_comp.type
_chem_comp.name
_chem_comp.formula
EDO non-polymer 1,2-ETHANEDIOL 'C2 H6 O2'
SO4 non-polymer 'SULFATE ION' 'O4 S -2'
UQS non-polymer N-[(2-fluorophenyl)methyl]-1H-pyrazol-4-amine 'C10 H10 F N3'
#
# COMPACT_ATOMS: atom_id res chain seq x y z
N ILE A 5 -0.25 -20.76 19.40
CA ILE A 5 -0.33 -20.31 17.99
C ILE A 5 0.22 -21.43 17.09
N LYS A 6 -0.68 -22.12 16.38
CA LYS A 6 -0.35 -23.19 15.40
C LYS A 6 0.60 -22.61 14.34
N GLN A 7 1.50 -23.45 13.81
CA GLN A 7 2.30 -23.20 12.59
C GLN A 7 1.52 -23.73 11.38
N GLY A 8 0.17 -23.71 11.48
CA GLY A 8 -0.75 -24.49 10.65
C GLY A 8 -1.68 -23.62 9.81
N ILE A 9 -1.77 -23.94 8.53
CA ILE A 9 -2.81 -23.48 7.56
C ILE A 9 -4.03 -24.39 7.74
N ARG A 10 -5.25 -23.86 7.58
CA ARG A 10 -6.51 -24.64 7.74
C ARG A 10 -7.60 -24.04 6.85
N GLU A 11 -8.53 -24.89 6.38
CA GLU A 11 -9.70 -24.43 5.59
C GLU A 11 -10.83 -24.16 6.60
N VAL A 12 -11.57 -23.05 6.44
CA VAL A 12 -12.89 -22.90 7.12
C VAL A 12 -13.95 -22.62 6.05
N ILE A 13 -15.15 -23.12 6.30
CA ILE A 13 -16.29 -22.97 5.35
C ILE A 13 -17.35 -22.16 6.10
N LEU A 14 -17.75 -21.02 5.53
CA LEU A 14 -18.61 -20.04 6.23
C LEU A 14 -19.98 -20.04 5.56
N CYS A 15 -21.00 -19.55 6.27
CA CYS A 15 -22.36 -19.28 5.73
C CYS A 15 -22.92 -18.01 6.38
N LYS A 16 -23.29 -17.03 5.56
CA LYS A 16 -23.87 -15.72 5.99
C LYS A 16 -25.10 -15.98 6.86
N ASP A 17 -25.36 -15.08 7.83
CA ASP A 17 -26.60 -15.07 8.64
C ASP A 17 -27.71 -14.44 7.79
N GLN A 18 -28.95 -14.47 8.29
CA GLN A 18 -30.16 -14.05 7.52
C GLN A 18 -30.00 -12.59 7.08
N ASP A 19 -28.99 -11.90 7.61
CA ASP A 19 -28.70 -10.46 7.34
C ASP A 19 -27.60 -10.36 6.29
N GLY A 20 -27.11 -11.50 5.79
CA GLY A 20 -25.98 -11.58 4.84
C GLY A 20 -24.70 -11.07 5.50
N LYS A 21 -24.59 -11.24 6.81
CA LYS A 21 -23.39 -10.86 7.62
C LYS A 21 -22.63 -12.13 7.98
N ILE A 22 -21.29 -12.04 8.02
CA ILE A 22 -20.41 -13.14 8.54
C ILE A 22 -19.78 -12.66 9.85
N GLY A 23 -19.81 -11.35 10.12
CA GLY A 23 -19.27 -10.77 11.36
C GLY A 23 -17.75 -10.61 11.33
N LEU A 24 -17.23 -10.14 10.19
CA LEU A 24 -15.77 -10.00 9.96
C LEU A 24 -15.44 -8.64 9.37
N ARG A 25 -14.38 -8.02 9.91
CA ARG A 25 -13.57 -6.96 9.25
C ARG A 25 -12.15 -7.50 8.97
N LEU A 26 -11.70 -7.36 7.72
CA LEU A 26 -10.35 -7.71 7.22
C LEU A 26 -9.52 -6.42 7.13
N LYS A 27 -8.21 -6.52 7.29
CA LYS A 27 -7.27 -5.38 7.18
C LYS A 27 -6.00 -5.83 6.42
N SER A 28 -5.54 -5.02 5.47
CA SER A 28 -4.37 -5.30 4.60
C SER A 28 -3.08 -4.95 5.36
N ILE A 29 -2.19 -5.93 5.54
CA ILE A 29 -0.87 -5.70 6.20
C ILE A 29 0.23 -6.34 5.35
N ASP A 30 1.23 -5.56 4.94
CA ASP A 30 2.45 -6.15 4.30
C ASP A 30 2.01 -7.08 3.15
N ASN A 31 1.08 -6.62 2.34
CA ASN A 31 0.46 -7.33 1.18
C ASN A 31 -0.16 -8.68 1.59
N GLY A 32 -0.49 -8.89 2.88
CA GLY A 32 -1.43 -9.93 3.31
C GLY A 32 -2.81 -9.36 3.64
N ILE A 33 -3.76 -10.22 3.98
CA ILE A 33 -5.07 -9.81 4.60
C ILE A 33 -5.17 -10.47 5.97
N PHE A 34 -5.37 -9.65 7.00
CA PHE A 34 -5.46 -10.07 8.42
C PHE A 34 -6.85 -9.71 9.02
N VAL A 35 -7.30 -10.55 9.95
CA VAL A 35 -8.58 -10.36 10.71
C VAL A 35 -8.37 -9.22 11.71
N GLN A 36 -9.04 -8.09 11.50
CA GLN A 36 -9.10 -6.90 12.41
C GLN A 36 -10.17 -7.11 13.49
N LEU A 37 -11.22 -7.84 13.16
CA LEU A 37 -12.43 -7.95 14.02
C LEU A 37 -13.22 -9.20 13.67
N VAL A 38 -13.39 -10.06 14.67
CA VAL A 38 -14.46 -11.09 14.68
C VAL A 38 -15.58 -10.61 15.62
N GLN A 39 -16.80 -10.54 15.07
CA GLN A 39 -18.06 -10.17 15.77
C GLN A 39 -18.50 -11.34 16.65
N ALA A 40 -18.91 -11.05 17.90
CA ALA A 40 -19.54 -12.01 18.84
C ALA A 40 -20.79 -12.63 18.19
N ASN A 41 -20.98 -13.94 18.34
CA ASN A 41 -22.14 -14.74 17.85
C ASN A 41 -22.24 -14.82 16.32
N SER A 42 -21.24 -14.41 15.55
CA SER A 42 -21.31 -14.41 14.06
C SER A 42 -20.96 -15.79 13.52
N PRO A 43 -21.18 -16.04 12.21
CA PRO A 43 -20.54 -17.16 11.50
C PRO A 43 -19.00 -17.20 11.67
N ALA A 44 -18.36 -16.03 11.53
CA ALA A 44 -16.90 -15.90 11.70
C ALA A 44 -16.51 -16.44 13.06
N SER A 45 -17.20 -16.08 14.13
CA SER A 45 -16.87 -16.60 15.48
C SER A 45 -17.07 -18.12 15.50
N LEU A 46 -18.17 -18.60 14.91
CA LEU A 46 -18.63 -20.01 15.01
C LEU A 46 -17.61 -20.97 14.37
N VAL A 47 -17.05 -20.60 13.23
CA VAL A 47 -16.06 -21.45 12.50
C VAL A 47 -14.71 -21.29 13.17
N GLY A 48 -14.59 -20.29 14.04
CA GLY A 48 -13.46 -20.15 14.98
C GLY A 48 -12.38 -19.19 14.50
N LEU A 49 -12.70 -18.26 13.59
CA LEU A 49 -11.78 -17.16 13.14
C LEU A 49 -11.43 -16.31 14.36
N ARG A 50 -10.18 -15.82 14.41
CA ARG A 50 -9.60 -15.10 15.58
C ARG A 50 -8.95 -13.80 15.10
N PHE A 51 -8.87 -12.83 15.99
CA PHE A 51 -8.10 -11.58 15.77
C PHE A 51 -6.67 -11.97 15.36
N GLY A 52 -6.18 -11.37 14.29
CA GLY A 52 -4.79 -11.55 13.83
C GLY A 52 -4.64 -12.69 12.83
N ASP A 53 -5.69 -13.46 12.59
CA ASP A 53 -5.66 -14.53 11.57
C ASP A 53 -5.39 -13.88 10.21
N GLN A 54 -4.47 -14.48 9.43
CA GLN A 54 -4.29 -14.18 7.99
C GLN A 54 -5.30 -14.93 7.13
N VAL A 55 -5.93 -14.23 6.18
CA VAL A 55 -6.75 -14.87 5.11
C VAL A 55 -5.86 -15.04 3.89
N LEU A 56 -5.47 -16.29 3.56
CA LEU A 56 -4.66 -16.61 2.35
C LEU A 56 -5.57 -16.63 1.11
N GLN A 57 -6.70 -17.33 1.20
CA GLN A 57 -7.74 -17.35 0.13
C GLN A 57 -9.18 -17.16 0.65
N ILE A 58 -10.00 -16.65 -0.27
CA ILE A 58 -11.46 -16.42 -0.17
C ILE A 58 -12.03 -17.08 -1.42
N ASN A 59 -12.79 -18.17 -1.26
CA ASN A 59 -13.40 -18.91 -2.39
C ASN A 59 -12.31 -19.41 -3.36
N GLY A 60 -11.05 -19.55 -2.90
CA GLY A 60 -9.93 -20.07 -3.71
C GLY A 60 -9.25 -18.99 -4.54
N GLU A 61 -9.62 -17.71 -4.36
CA GLU A 61 -8.81 -16.53 -4.82
C GLU A 61 -7.75 -16.24 -3.75
N ASN A 62 -6.50 -16.03 -4.16
CA ASN A 62 -5.44 -15.51 -3.28
C ASN A 62 -5.82 -14.09 -2.87
N CYS A 63 -5.55 -13.70 -1.62
CA CYS A 63 -5.86 -12.35 -1.11
C CYS A 63 -4.63 -11.41 -1.26
N ALA A 64 -3.43 -11.94 -1.49
CA ALA A 64 -2.18 -11.16 -1.61
C ALA A 64 -2.40 -9.89 -2.43
N GLY A 65 -2.05 -8.72 -1.88
CA GLY A 65 -2.08 -7.43 -2.58
C GLY A 65 -3.41 -6.69 -2.42
N TRP A 66 -4.48 -7.33 -2.00
CA TRP A 66 -5.81 -6.64 -1.92
C TRP A 66 -5.72 -5.46 -0.94
N SER A 67 -6.35 -4.32 -1.29
CA SER A 67 -6.87 -3.30 -0.33
C SER A 67 -7.78 -4.00 0.68
N SER A 68 -7.92 -3.43 1.87
CA SER A 68 -9.01 -3.79 2.82
C SER A 68 -10.38 -3.58 2.15
N ASP A 69 -10.54 -2.56 1.30
CA ASP A 69 -11.81 -2.34 0.54
C ASP A 69 -12.08 -3.54 -0.38
N LYS A 70 -11.08 -4.05 -1.11
CA LYS A 70 -11.33 -5.11 -2.10
C LYS A 70 -11.69 -6.41 -1.36
N ALA A 71 -11.01 -6.66 -0.25
CA ALA A 71 -11.32 -7.81 0.61
C ALA A 71 -12.81 -7.71 1.00
N HIS A 72 -13.26 -6.55 1.51
CA HIS A 72 -14.68 -6.30 1.95
C HIS A 72 -15.65 -6.36 0.76
N LYS A 73 -15.24 -5.84 -0.40
CA LYS A 73 -16.03 -5.95 -1.66
C LYS A 73 -16.29 -7.43 -1.97
N VAL A 74 -15.24 -8.25 -1.99
CA VAL A 74 -15.31 -9.69 -2.40
C VAL A 74 -16.34 -10.37 -1.50
N LEU A 75 -16.13 -10.28 -0.20
CA LEU A 75 -17.08 -10.81 0.82
C LEU A 75 -18.54 -10.50 0.40
N LYS A 76 -18.82 -9.23 0.09
CA LYS A 76 -20.20 -8.77 -0.19
C LYS A 76 -20.76 -9.58 -1.37
N GLN A 77 -20.00 -9.77 -2.46
CA GLN A 77 -20.50 -10.35 -3.73
C GLN A 77 -20.56 -11.88 -3.71
N ALA A 78 -20.06 -12.57 -2.69
CA ALA A 78 -20.00 -14.05 -2.71
C ALA A 78 -21.42 -14.63 -2.67
N PHE A 79 -21.76 -15.58 -3.56
CA PHE A 79 -23.04 -16.37 -3.55
C PHE A 79 -23.05 -17.20 -2.26
N GLY A 80 -23.18 -16.53 -1.10
CA GLY A 80 -22.71 -16.94 0.23
C GLY A 80 -23.58 -17.96 0.93
N GLU A 81 -24.33 -18.77 0.17
CA GLU A 81 -24.72 -20.16 0.53
C GLU A 81 -23.52 -20.89 1.19
N LYS A 82 -22.30 -20.73 0.65
CA LYS A 82 -21.08 -21.45 1.11
C LYS A 82 -19.84 -20.61 0.76
N ILE A 83 -19.04 -20.24 1.76
CA ILE A 83 -17.78 -19.46 1.56
C ILE A 83 -16.59 -20.25 2.16
N THR A 84 -15.59 -20.56 1.34
CA THR A 84 -14.32 -21.22 1.73
C THR A 84 -13.25 -20.13 1.96
N MET A 85 -12.49 -20.26 3.04
CA MET A 85 -11.28 -19.44 3.30
C MET A 85 -10.18 -20.38 3.79
N THR A 86 -8.95 -20.12 3.29
CA THR A 86 -7.68 -20.72 3.75
C THR A 86 -7.08 -19.73 4.74
N ILE A 87 -6.90 -20.16 5.98
CA ILE A 87 -6.50 -19.29 7.12
C ILE A 87 -5.09 -19.70 7.55
N ARG A 88 -4.22 -18.73 7.85
CA ARG A 88 -2.99 -18.99 8.60
C ARG A 88 -3.25 -18.44 10.01
N ASP A 89 -3.11 -19.30 11.00
CA ASP A 89 -3.39 -19.00 12.42
C ASP A 89 -2.41 -17.96 13.00
N ARG A 90 -2.86 -16.72 13.20
CA ARG A 90 -2.28 -15.70 14.12
C ARG A 90 -0.76 -15.56 13.93
N PRO A 91 -0.29 -15.30 12.70
CA PRO A 91 1.12 -15.39 12.39
C PRO A 91 1.97 -14.35 13.12
N PHE A 92 1.36 -13.23 13.56
CA PHE A 92 2.08 -12.11 14.23
C PHE A 92 2.08 -12.31 15.76
N GLU A 93 1.58 -13.46 16.24
CA GLU A 93 1.44 -13.65 17.71
C GLU A 93 2.19 -14.89 18.18
N ARG A 94 2.39 -14.95 19.50
CA ARG A 94 3.05 -16.05 20.28
C ARG A 94 2.29 -16.24 21.59
N THR A 95 2.29 -17.45 22.14
CA THR A 95 1.61 -17.78 23.41
C THR A 95 2.68 -18.11 24.43
N ILE A 96 2.62 -17.50 25.62
CA ILE A 96 3.51 -17.73 26.79
C ILE A 96 2.65 -18.27 27.94
N THR A 97 3.16 -19.30 28.62
CA THR A 97 2.52 -19.96 29.79
C THR A 97 3.30 -19.51 31.02
N MET A 98 2.59 -19.00 32.03
CA MET A 98 3.18 -18.49 33.29
C MET A 98 2.49 -19.23 34.41
N HIS A 99 3.03 -19.17 35.63
CA HIS A 99 2.40 -19.72 36.87
C HIS A 99 2.37 -18.61 37.91
N LYS A 100 1.20 -18.26 38.46
CA LYS A 100 1.10 -17.18 39.49
C LYS A 100 1.98 -17.60 40.69
N ASP A 101 2.50 -16.63 41.45
CA ASP A 101 3.13 -16.88 42.77
C ASP A 101 2.01 -17.03 43.82
N SER A 102 2.34 -17.22 45.10
CA SER A 102 1.35 -17.30 46.19
C SER A 102 0.67 -15.93 46.33
N THR A 103 1.42 -14.86 46.06
CA THR A 103 0.90 -13.46 45.97
C THR A 103 -0.14 -13.35 44.87
N GLY A 104 -0.27 -14.37 44.01
CA GLY A 104 -1.27 -14.45 42.91
C GLY A 104 -0.85 -13.70 41.66
N HIS A 105 0.43 -13.34 41.52
CA HIS A 105 0.96 -12.56 40.36
C HIS A 105 1.71 -13.46 39.38
N VAL A 106 1.72 -13.08 38.10
CA VAL A 106 2.59 -13.65 37.03
C VAL A 106 3.81 -12.74 36.84
N GLY A 107 3.69 -11.45 37.13
CA GLY A 107 4.83 -10.51 37.30
C GLY A 107 5.05 -9.58 36.11
N PHE A 108 4.04 -8.76 35.74
CA PHE A 108 4.17 -7.65 34.75
C PHE A 108 3.18 -6.50 35.01
N ILE A 109 3.48 -5.34 34.42
CA ILE A 109 2.58 -4.16 34.29
C ILE A 109 2.30 -3.96 32.80
N PHE A 110 1.04 -3.65 32.52
CA PHE A 110 0.49 -3.26 31.20
C PHE A 110 -0.35 -1.96 31.34
N LYS A 111 -0.44 -1.23 30.23
CA LYS A 111 -1.22 0.03 30.12
C LYS A 111 -1.90 0.08 28.75
N ASN A 112 -3.25 0.22 28.74
CA ASN A 112 -4.09 0.16 27.51
C ASN A 112 -3.80 -1.13 26.78
N GLY A 113 -3.73 -2.24 27.50
CA GLY A 113 -3.63 -3.59 26.94
C GLY A 113 -2.19 -4.05 26.70
N LYS A 114 -1.23 -3.13 26.78
CA LYS A 114 0.18 -3.31 26.33
C LYS A 114 1.11 -3.47 27.53
N ILE A 115 1.87 -4.58 27.58
CA ILE A 115 2.89 -4.84 28.65
C ILE A 115 3.92 -3.71 28.60
N THR A 116 4.30 -3.15 29.76
CA THR A 116 5.23 -1.98 29.84
C THR A 116 6.46 -2.22 30.74
N SER A 117 6.39 -3.14 31.71
CA SER A 117 7.53 -3.59 32.56
C SER A 117 7.37 -5.06 32.98
N ILE A 118 8.49 -5.77 33.14
CA ILE A 118 8.54 -7.13 33.74
C ILE A 118 9.16 -7.03 35.14
N VAL A 119 8.48 -7.58 36.15
CA VAL A 119 8.91 -7.59 37.58
C VAL A 119 10.00 -8.66 37.77
N LYS A 120 11.08 -8.33 38.45
CA LYS A 120 12.24 -9.24 38.58
C LYS A 120 11.84 -10.42 39.46
N ASP A 121 12.47 -11.58 39.20
CA ASP A 121 12.40 -12.87 39.95
C ASP A 121 11.06 -13.57 39.68
N SER A 122 10.33 -13.16 38.63
CA SER A 122 8.93 -13.54 38.34
C SER A 122 8.84 -14.59 37.22
N SER A 123 7.68 -15.25 37.12
CA SER A 123 7.36 -16.27 36.08
C SER A 123 7.37 -15.61 34.69
N ALA A 124 7.01 -14.32 34.64
CA ALA A 124 7.06 -13.51 33.41
C ALA A 124 8.53 -13.36 32.94
N ALA A 125 9.43 -12.98 33.86
CA ALA A 125 10.88 -12.85 33.60
C ALA A 125 11.41 -14.21 33.19
N ARG A 126 11.07 -15.28 33.94
CA ARG A 126 11.53 -16.68 33.68
C ARG A 126 11.12 -17.15 32.30
N ASN A 127 9.99 -16.67 31.77
CA ASN A 127 9.43 -17.10 30.46
C ASN A 127 9.72 -16.06 29.36
N GLY A 128 10.41 -14.98 29.73
CA GLY A 128 10.86 -13.94 28.79
C GLY A 128 9.69 -13.25 28.12
N LEU A 129 8.66 -12.92 28.92
CA LEU A 129 7.64 -11.91 28.51
C LEU A 129 8.38 -10.66 28.07
N LEU A 130 7.99 -10.11 26.92
CA LEU A 130 8.59 -8.89 26.32
C LEU A 130 7.65 -7.72 26.65
N THR A 131 8.20 -6.52 26.78
CA THR A 131 7.42 -5.27 26.90
C THR A 131 7.09 -4.78 25.49
N GLU A 132 6.29 -3.71 25.37
CA GLU A 132 5.88 -3.18 24.04
C GLU A 132 5.24 -4.28 23.18
N HIS A 133 4.52 -5.20 23.82
CA HIS A 133 3.62 -6.20 23.18
C HIS A 133 2.24 -5.97 23.76
N ASN A 134 1.23 -5.88 22.89
CA ASN A 134 -0.21 -5.82 23.29
C ASN A 134 -0.70 -7.23 23.55
N ILE A 135 -1.58 -7.37 24.56
CA ILE A 135 -2.21 -8.65 25.00
C ILE A 135 -3.49 -8.91 24.18
N CYS A 136 -3.48 -9.96 23.37
CA CYS A 136 -4.52 -10.27 22.37
C CYS A 136 -5.55 -11.22 22.97
N GLU A 137 -5.10 -12.26 23.64
CA GLU A 137 -5.94 -13.30 24.27
C GLU A 137 -5.35 -13.59 25.65
N ILE A 138 -6.13 -14.24 26.52
CA ILE A 138 -5.73 -14.74 27.86
C ILE A 138 -6.57 -16.01 28.11
N ASN A 139 -5.94 -17.15 28.30
CA ASN A 139 -6.62 -18.47 28.29
C ASN A 139 -7.60 -18.49 27.11
N GLY A 140 -7.11 -18.22 25.90
CA GLY A 140 -7.85 -18.33 24.63
C GLY A 140 -9.03 -17.37 24.55
N GLN A 141 -9.21 -16.50 25.55
CA GLN A 141 -10.27 -15.47 25.56
C GLN A 141 -9.73 -14.16 24.99
N ASN A 142 -10.20 -13.75 23.84
CA ASN A 142 -9.86 -12.42 23.28
C ASN A 142 -10.23 -11.35 24.29
N VAL A 143 -9.31 -10.42 24.59
CA VAL A 143 -9.47 -9.38 25.64
C VAL A 143 -9.15 -8.01 25.03
N ILE A 144 -9.37 -7.90 23.72
CA ILE A 144 -9.04 -6.64 22.98
C ILE A 144 -10.27 -5.73 22.94
N GLY A 145 -10.10 -4.48 23.37
CA GLY A 145 -11.23 -3.56 23.58
C GLY A 145 -11.52 -3.39 25.05
N LEU A 146 -11.36 -4.46 25.85
CA LEU A 146 -11.65 -4.45 27.31
C LEU A 146 -10.83 -3.35 27.95
N LYS A 147 -11.28 -2.85 29.11
CA LYS A 147 -10.55 -1.84 29.94
C LYS A 147 -9.36 -2.55 30.57
N ASP A 148 -8.40 -1.83 31.13
CA ASP A 148 -7.27 -2.53 31.81
C ASP A 148 -7.85 -3.33 32.99
N SER A 149 -8.82 -2.73 33.70
CA SER A 149 -9.40 -3.25 34.96
C SER A 149 -10.01 -4.63 34.73
N GLN A 150 -10.63 -4.81 33.56
CA GLN A 150 -11.33 -6.06 33.18
C GLN A 150 -10.31 -7.14 32.80
N ILE A 151 -9.28 -6.73 32.05
CA ILE A 151 -8.12 -7.62 31.77
C ILE A 151 -7.60 -8.11 33.12
N ALA A 152 -7.36 -7.19 34.05
CA ALA A 152 -6.78 -7.54 35.37
C ALA A 152 -7.73 -8.54 36.09
N ASP A 153 -9.05 -8.37 35.93
CA ASP A 153 -10.07 -9.25 36.57
C ASP A 153 -9.91 -10.69 36.05
N ILE A 154 -9.85 -10.86 34.72
CA ILE A 154 -9.67 -12.17 34.03
C ILE A 154 -8.39 -12.86 34.51
N LEU A 155 -7.34 -12.09 34.82
CA LEU A 155 -6.06 -12.65 35.28
C LEU A 155 -6.22 -13.09 36.74
N SER A 156 -6.91 -12.29 37.55
CA SER A 156 -7.32 -12.62 38.94
C SER A 156 -8.14 -13.92 38.97
N THR A 157 -9.20 -14.03 38.17
CA THR A 157 -10.14 -15.19 38.18
C THR A 157 -9.68 -16.22 37.14
N SER A 158 -8.40 -16.59 37.21
CA SER A 158 -7.76 -17.66 36.42
C SER A 158 -7.14 -18.68 37.37
N GLY A 159 -6.84 -19.87 36.87
CA GLY A 159 -6.07 -20.90 37.61
C GLY A 159 -4.63 -20.44 37.83
N THR A 160 -3.79 -21.30 38.42
CA THR A 160 -2.38 -20.98 38.73
C THR A 160 -1.63 -20.85 37.40
N VAL A 161 -1.96 -21.70 36.42
CA VAL A 161 -1.37 -21.64 35.05
C VAL A 161 -2.15 -20.61 34.24
N VAL A 162 -1.43 -19.61 33.71
CA VAL A 162 -1.96 -18.52 32.84
C VAL A 162 -1.29 -18.61 31.47
N THR A 163 -2.08 -18.43 30.43
CA THR A 163 -1.66 -18.48 29.03
C THR A 163 -2.05 -17.15 28.42
N ILE A 164 -1.08 -16.47 27.81
CA ILE A 164 -1.18 -15.07 27.30
C ILE A 164 -0.67 -15.04 25.85
N THR A 165 -1.53 -14.57 24.95
CA THR A 165 -1.24 -14.46 23.51
C THR A 165 -0.90 -13.01 23.21
N ILE A 166 0.37 -12.72 22.93
CA ILE A 166 0.88 -11.33 22.72
C ILE A 166 1.28 -11.10 21.26
N MET A 167 1.39 -9.83 20.89
CA MET A 167 1.64 -9.28 19.54
C MET A 167 2.40 -7.96 19.70
N PRO A 168 3.51 -7.80 18.92
CA PRO A 168 4.26 -6.55 18.90
C PRO A 168 3.37 -5.33 18.69
N ALA A 169 3.43 -4.41 19.64
CA ALA A 169 2.70 -3.12 19.64
C ALA A 169 2.57 -2.56 18.21
N PHE A 170 3.70 -2.30 17.54
N PHE A 170 3.70 -2.33 17.53
CA PHE A 170 3.75 -1.69 16.19
CA PHE A 170 3.77 -1.69 16.19
C PHE A 170 2.79 -2.43 15.24
C PHE A 170 2.83 -2.43 15.21
N ILE A 171 2.79 -3.77 15.30
CA ILE A 171 1.91 -4.60 14.44
C ILE A 171 0.45 -4.46 14.87
N PHE A 172 0.17 -4.52 16.18
CA PHE A 172 -1.18 -4.33 16.75
C PHE A 172 -1.73 -2.98 16.28
N GLU A 173 -0.98 -1.90 16.53
CA GLU A 173 -1.35 -0.51 16.16
C GLU A 173 -1.85 -0.48 14.71
N HIS A 174 -1.06 -1.03 13.78
CA HIS A 174 -1.31 -1.00 12.32
C HIS A 174 -2.57 -1.80 11.96
N ILE A 175 -2.85 -2.89 12.69
CA ILE A 175 -4.07 -3.72 12.48
C ILE A 175 -5.30 -2.89 12.89
N ILE A 176 -5.39 -2.45 14.16
CA ILE A 176 -6.64 -1.88 14.77
C ILE A 176 -6.99 -0.54 14.11
N LYS A 177 -6.01 0.17 13.54
CA LYS A 177 -6.18 1.49 12.86
C LYS A 177 -7.50 1.50 12.08
N ARG A 178 -8.27 2.60 12.22
CA ARG A 178 -9.59 2.83 11.57
C ARG A 178 -10.64 1.86 12.12
N MET A 179 -10.53 1.49 13.40
CA MET A 179 -11.61 0.78 14.16
C MET A 179 -11.83 1.48 15.50
N ALA A 180 -12.99 2.11 15.67
CA ALA A 180 -13.44 2.79 16.91
C ALA A 180 -13.24 1.84 18.08
N PRO A 181 -12.35 2.16 19.06
CA PRO A 181 -12.10 1.26 20.19
C PRO A 181 -13.41 0.68 20.74
N SER A 182 -14.44 1.53 20.85
CA SER A 182 -15.80 1.22 21.35
C SER A 182 -16.38 -0.01 20.62
N ILE A 183 -16.32 -0.02 19.28
CA ILE A 183 -16.82 -1.15 18.44
C ILE A 183 -16.13 -2.44 18.90
N MET A 184 -14.81 -2.38 19.11
CA MET A 184 -13.96 -3.53 19.54
C MET A 184 -14.30 -3.90 20.99
N LYS A 185 -14.46 -2.92 21.88
CA LYS A 185 -14.99 -3.15 23.25
C LYS A 185 -16.43 -3.69 23.19
N SER A 186 -17.25 -3.19 22.27
CA SER A 186 -18.70 -3.50 22.15
C SER A 186 -18.92 -4.84 21.44
N LEU A 187 -18.24 -5.06 20.31
CA LEU A 187 -18.60 -6.13 19.32
C LEU A 187 -17.47 -7.17 19.14
N MET A 188 -16.20 -6.85 19.47
CA MET A 188 -15.10 -7.86 19.36
C MET A 188 -15.44 -9.08 20.25
N ASP A 189 -15.60 -10.26 19.64
CA ASP A 189 -15.98 -11.50 20.35
C ASP A 189 -14.98 -11.74 21.48
N HIS A 190 -15.44 -11.53 22.72
CA HIS A 190 -14.72 -11.75 24.00
C HIS A 190 -15.19 -13.02 24.68
N THR A 191 -15.98 -13.84 23.99
CA THR A 191 -16.60 -15.04 24.58
C THR A 191 -15.53 -16.14 24.67
N ILE A 192 -15.71 -17.05 25.62
CA ILE A 192 -15.04 -18.39 25.60
C ILE A 192 -15.65 -19.14 24.42
N PRO A 193 -14.87 -19.92 23.65
CA PRO A 193 -15.40 -20.57 22.45
C PRO A 193 -16.41 -21.70 22.78
N GLU A 194 -17.43 -21.81 21.94
CA GLU A 194 -18.48 -22.86 22.03
C GLU A 194 -17.86 -24.21 21.64
N VAL A 195 -18.45 -25.33 22.10
CA VAL A 195 -18.27 -26.66 21.45
C VAL A 195 -19.66 -27.28 21.21
N ALA B 3 -34.35 12.03 -10.46
CA ALA B 3 -34.73 13.33 -9.83
C ALA B 3 -36.14 13.22 -9.22
N GLU B 4 -37.12 12.67 -9.96
CA GLU B 4 -38.50 12.26 -9.51
C GLU B 4 -38.45 11.81 -8.04
N ILE B 5 -39.02 12.60 -7.12
CA ILE B 5 -39.03 12.30 -5.65
C ILE B 5 -39.85 11.02 -5.44
N LYS B 6 -39.17 9.87 -5.35
CA LYS B 6 -39.75 8.52 -5.20
C LYS B 6 -40.49 8.42 -3.85
N GLN B 7 -41.77 8.79 -3.84
CA GLN B 7 -42.67 8.68 -2.66
C GLN B 7 -42.45 7.31 -1.99
N GLY B 8 -42.85 7.18 -0.72
CA GLY B 8 -42.66 5.97 0.09
C GLY B 8 -41.21 5.78 0.52
N ILE B 9 -40.95 4.69 1.25
CA ILE B 9 -39.70 4.42 2.01
C ILE B 9 -38.87 3.39 1.24
N ARG B 10 -37.55 3.36 1.48
CA ARG B 10 -36.63 2.30 0.98
C ARG B 10 -35.60 1.99 2.08
N GLU B 11 -35.08 0.76 2.09
CA GLU B 11 -33.99 0.35 3.01
C GLU B 11 -32.71 0.43 2.19
N VAL B 12 -31.66 1.09 2.67
CA VAL B 12 -30.33 1.12 1.99
C VAL B 12 -29.33 0.36 2.84
N ILE B 13 -28.31 -0.24 2.23
CA ILE B 13 -27.28 -1.02 2.98
C ILE B 13 -25.91 -0.37 2.75
N LEU B 14 -25.14 -0.18 3.82
CA LEU B 14 -23.83 0.49 3.81
C LEU B 14 -22.80 -0.33 4.57
N CYS B 15 -21.52 -0.11 4.20
CA CYS B 15 -20.30 -0.70 4.79
C CYS B 15 -19.29 0.45 5.04
N LYS B 16 -19.11 0.90 6.29
CA LYS B 16 -17.95 1.77 6.64
C LYS B 16 -16.78 1.37 5.75
N ASP B 17 -16.05 2.33 5.19
CA ASP B 17 -14.94 2.08 4.23
C ASP B 17 -13.65 1.76 5.02
N GLN B 18 -12.52 1.49 4.34
CA GLN B 18 -11.28 1.06 5.05
C GLN B 18 -10.85 2.18 6.02
N ASP B 19 -11.32 3.43 5.87
CA ASP B 19 -10.98 4.51 6.84
C ASP B 19 -12.02 4.61 7.98
N GLY B 20 -13.06 3.77 7.98
CA GLY B 20 -14.11 3.81 9.02
C GLY B 20 -15.25 4.78 8.71
N LYS B 21 -15.24 5.43 7.54
CA LYS B 21 -16.21 6.51 7.19
C LYS B 21 -17.35 5.97 6.30
N ILE B 22 -18.54 6.58 6.45
CA ILE B 22 -19.78 6.30 5.64
C ILE B 22 -20.00 7.41 4.59
N GLY B 23 -19.36 8.59 4.96
CA GLY B 23 -19.48 9.86 4.22
C GLY B 23 -20.84 10.54 4.43
N LEU B 24 -21.35 10.57 5.67
CA LEU B 24 -22.62 11.28 6.01
C LEU B 24 -22.37 12.28 7.13
N ARG B 25 -23.05 13.46 6.97
CA ARG B 25 -23.47 14.31 8.11
C ARG B 25 -24.99 14.32 8.22
N LEU B 26 -25.48 14.23 9.47
CA LEU B 26 -26.88 14.08 9.87
C LEU B 26 -27.24 15.29 10.73
N LYS B 27 -28.52 15.71 10.69
CA LYS B 27 -29.08 16.87 11.43
C LYS B 27 -30.53 16.58 11.88
N SER B 28 -30.79 16.89 13.16
CA SER B 28 -32.10 16.95 13.84
C SER B 28 -32.94 18.06 13.21
N ILE B 29 -34.03 17.70 12.53
CA ILE B 29 -35.08 18.64 12.02
C ILE B 29 -36.49 18.17 12.46
N ASP B 30 -37.22 19.00 13.19
CA ASP B 30 -38.64 18.75 13.53
C ASP B 30 -38.76 17.33 14.10
N ASN B 31 -37.83 16.97 14.99
CA ASN B 31 -37.72 15.63 15.61
C ASN B 31 -37.51 14.52 14.57
N GLY B 32 -37.09 14.88 13.36
CA GLY B 32 -36.57 13.92 12.37
C GLY B 32 -35.06 13.96 12.35
N ILE B 33 -34.46 13.10 11.54
CA ILE B 33 -33.03 13.14 11.20
C ILE B 33 -32.91 13.17 9.68
N PHE B 34 -32.23 14.20 9.16
CA PHE B 34 -32.07 14.39 7.69
C PHE B 34 -30.58 14.43 7.33
N VAL B 35 -30.29 14.13 6.08
CA VAL B 35 -28.92 14.18 5.56
C VAL B 35 -28.62 15.64 5.24
N GLN B 36 -27.54 16.15 5.89
CA GLN B 36 -27.03 17.52 5.64
C GLN B 36 -25.84 17.45 4.67
N LEU B 37 -25.12 16.34 4.65
CA LEU B 37 -23.98 16.15 3.71
C LEU B 37 -23.85 14.64 3.44
N VAL B 38 -23.75 14.35 2.09
CA VAL B 38 -23.13 13.12 1.48
C VAL B 38 -21.75 13.48 0.85
N GLN B 39 -20.72 12.69 1.15
CA GLN B 39 -19.34 12.86 0.56
C GLN B 39 -19.14 12.15 -0.79
N ALA B 40 -18.71 12.92 -1.80
CA ALA B 40 -18.09 12.37 -3.04
C ALA B 40 -17.21 11.16 -2.66
N ASN B 41 -17.32 10.03 -3.38
CA ASN B 41 -16.49 8.82 -3.12
C ASN B 41 -16.62 8.34 -1.66
N SER B 42 -17.85 8.18 -1.13
CA SER B 42 -18.13 7.56 0.20
C SER B 42 -18.98 6.33 -0.05
N PRO B 43 -19.10 5.36 0.90
CA PRO B 43 -20.14 4.35 0.79
C PRO B 43 -21.48 5.04 0.54
N ALA B 44 -21.72 6.16 1.24
CA ALA B 44 -23.05 6.83 1.25
C ALA B 44 -23.36 7.32 -0.16
N SER B 45 -22.42 7.99 -0.85
CA SER B 45 -22.67 8.41 -2.26
C SER B 45 -22.81 7.17 -3.14
N LEU B 46 -22.01 6.12 -2.90
CA LEU B 46 -22.04 4.90 -3.76
C LEU B 46 -23.41 4.21 -3.65
N VAL B 47 -24.06 4.20 -2.48
CA VAL B 47 -25.38 3.53 -2.27
C VAL B 47 -26.52 4.53 -2.46
N GLY B 48 -26.24 5.72 -2.96
CA GLY B 48 -27.27 6.56 -3.58
C GLY B 48 -28.07 7.37 -2.56
N LEU B 49 -27.56 7.55 -1.33
CA LEU B 49 -28.07 8.55 -0.35
C LEU B 49 -27.79 9.96 -0.89
N ARG B 50 -28.69 10.90 -0.54
CA ARG B 50 -28.71 12.30 -1.04
C ARG B 50 -28.99 13.32 0.08
N PHE B 51 -28.52 14.54 -0.17
CA PHE B 51 -28.95 15.76 0.54
C PHE B 51 -30.48 15.76 0.62
N GLY B 52 -31.02 15.86 1.84
CA GLY B 52 -32.46 16.07 2.04
C GLY B 52 -33.20 14.83 2.49
N ASP B 53 -32.69 13.65 2.12
CA ASP B 53 -33.12 12.30 2.56
C ASP B 53 -33.26 12.31 4.06
N GLN B 54 -34.41 11.82 4.53
CA GLN B 54 -34.74 11.55 5.94
C GLN B 54 -34.17 10.16 6.24
N VAL B 55 -33.57 10.02 7.42
CA VAL B 55 -33.29 8.69 8.00
C VAL B 55 -34.35 8.33 9.06
N LEU B 56 -35.13 7.27 8.84
CA LEU B 56 -36.25 6.82 9.72
C LEU B 56 -35.66 5.84 10.74
N GLN B 57 -34.66 5.09 10.29
CA GLN B 57 -33.99 4.12 11.18
C GLN B 57 -32.56 3.83 10.73
N ILE B 58 -31.73 3.51 11.73
CA ILE B 58 -30.34 3.03 11.57
C ILE B 58 -30.26 1.70 12.32
N ASN B 59 -29.94 0.65 11.58
CA ASN B 59 -29.78 -0.71 12.14
C ASN B 59 -31.05 -1.04 12.93
N GLY B 60 -32.22 -0.63 12.42
CA GLY B 60 -33.53 -1.00 12.98
C GLY B 60 -33.88 -0.24 14.27
N GLU B 61 -33.15 0.82 14.61
CA GLU B 61 -33.49 1.70 15.75
C GLU B 61 -34.11 3.00 15.20
N ASN B 62 -35.22 3.46 15.80
CA ASN B 62 -35.95 4.68 15.37
C ASN B 62 -35.18 5.96 15.79
N CYS B 63 -35.04 6.85 14.79
CA CYS B 63 -34.23 8.09 14.89
C CYS B 63 -35.09 9.20 15.50
N ALA B 64 -36.41 9.00 15.55
CA ALA B 64 -37.39 9.96 16.12
C ALA B 64 -36.87 10.52 17.47
N GLY B 65 -36.68 11.86 17.54
CA GLY B 65 -36.21 12.55 18.75
C GLY B 65 -34.68 12.64 18.85
N TRP B 66 -33.90 12.05 17.96
CA TRP B 66 -32.42 12.04 18.15
C TRP B 66 -31.82 13.42 17.84
N SER B 67 -31.05 13.98 18.78
CA SER B 67 -30.10 15.09 18.48
C SER B 67 -29.13 14.61 17.39
N SER B 68 -28.65 15.52 16.56
CA SER B 68 -27.60 15.33 15.56
C SER B 68 -26.37 14.68 16.19
N ASP B 69 -26.12 14.95 17.46
CA ASP B 69 -24.96 14.37 18.19
C ASP B 69 -25.23 12.87 18.38
N LYS B 70 -26.43 12.50 18.82
CA LYS B 70 -26.76 11.05 19.01
C LYS B 70 -26.68 10.33 17.66
N ALA B 71 -27.16 10.94 16.59
CA ALA B 71 -27.12 10.32 15.24
C ALA B 71 -25.64 10.04 14.85
N HIS B 72 -24.74 10.99 15.11
CA HIS B 72 -23.32 10.88 14.70
C HIS B 72 -22.59 9.84 15.55
N LYS B 73 -22.87 9.81 16.86
CA LYS B 73 -22.34 8.81 17.81
C LYS B 73 -22.86 7.42 17.42
N VAL B 74 -24.08 7.32 16.90
CA VAL B 74 -24.67 6.01 16.50
C VAL B 74 -23.85 5.49 15.31
N LEU B 75 -23.50 6.37 14.37
CA LEU B 75 -22.81 6.02 13.11
C LEU B 75 -21.37 5.61 13.45
N LYS B 76 -20.73 6.47 14.25
CA LYS B 76 -19.35 6.25 14.74
C LYS B 76 -19.29 4.85 15.37
N GLN B 77 -20.33 4.43 16.12
CA GLN B 77 -20.23 3.24 17.01
C GLN B 77 -20.69 1.97 16.30
N ALA B 78 -21.16 2.11 15.04
CA ALA B 78 -21.73 1.03 14.22
C ALA B 78 -20.62 0.14 13.61
N PHE B 79 -20.73 -1.20 13.70
CA PHE B 79 -19.87 -2.15 12.94
C PHE B 79 -19.95 -1.79 11.46
N GLY B 80 -18.83 -1.78 10.76
CA GLY B 80 -18.80 -1.24 9.38
C GLY B 80 -19.37 -2.25 8.33
N GLU B 81 -19.64 -3.51 8.82
CA GLU B 81 -19.93 -4.62 7.88
C GLU B 81 -21.27 -4.36 7.20
N LYS B 82 -22.33 -4.23 7.99
CA LYS B 82 -23.67 -3.92 7.42
C LYS B 82 -24.40 -2.91 8.33
N ILE B 83 -24.50 -1.70 7.82
CA ILE B 83 -25.27 -0.61 8.43
C ILE B 83 -26.53 -0.51 7.56
N THR B 84 -27.69 -0.80 8.14
CA THR B 84 -28.98 -0.73 7.40
C THR B 84 -29.64 0.59 7.77
N MET B 85 -30.01 1.36 6.75
CA MET B 85 -30.86 2.55 6.97
C MET B 85 -32.22 2.42 6.27
N THR B 86 -33.28 2.81 6.97
CA THR B 86 -34.61 3.07 6.38
C THR B 86 -34.69 4.56 6.06
N ILE B 87 -34.82 4.85 4.76
CA ILE B 87 -34.77 6.23 4.18
C ILE B 87 -36.15 6.57 3.60
N ARG B 88 -36.64 7.79 3.87
CA ARG B 88 -37.70 8.42 3.07
C ARG B 88 -37.05 9.43 2.13
N ASP B 89 -37.43 9.40 0.86
CA ASP B 89 -36.78 10.14 -0.25
C ASP B 89 -37.10 11.64 -0.15
N ARG B 90 -36.06 12.46 0.07
CA ARG B 90 -36.04 13.95 0.11
C ARG B 90 -37.42 14.57 0.39
N PRO B 91 -38.04 14.34 1.57
CA PRO B 91 -39.40 14.81 1.85
C PRO B 91 -39.68 16.30 1.72
N PHE B 92 -38.64 17.12 2.04
CA PHE B 92 -38.74 18.59 2.05
C PHE B 92 -38.52 19.14 0.64
N GLU B 93 -38.47 18.26 -0.33
CA GLU B 93 -38.11 18.71 -1.69
C GLU B 93 -39.11 18.17 -2.68
N ARG B 94 -39.12 18.76 -3.85
CA ARG B 94 -40.01 18.48 -4.99
C ARG B 94 -39.18 18.76 -6.22
N THR B 95 -39.48 18.16 -7.36
CA THR B 95 -38.74 18.52 -8.59
C THR B 95 -39.73 18.97 -9.64
N ILE B 96 -39.22 19.81 -10.54
CA ILE B 96 -39.97 20.63 -11.52
C ILE B 96 -39.29 20.36 -12.85
N THR B 97 -40.04 20.11 -13.92
CA THR B 97 -39.45 19.95 -15.28
C THR B 97 -39.81 21.12 -16.18
N MET B 98 -38.78 21.78 -16.71
CA MET B 98 -38.91 22.93 -17.63
C MET B 98 -38.27 22.60 -18.98
N HIS B 99 -38.67 23.37 -19.99
CA HIS B 99 -38.23 23.25 -21.40
C HIS B 99 -37.65 24.63 -21.74
N LYS B 100 -36.37 24.67 -22.15
CA LYS B 100 -35.70 25.91 -22.61
C LYS B 100 -36.44 26.41 -23.84
N ASP B 101 -36.55 27.73 -24.00
CA ASP B 101 -37.05 28.32 -25.26
C ASP B 101 -35.86 28.46 -26.23
N SER B 102 -36.11 29.00 -27.42
CA SER B 102 -35.12 29.20 -28.50
C SER B 102 -33.85 29.86 -27.92
N THR B 103 -34.04 30.80 -26.99
CA THR B 103 -33.00 31.68 -26.38
C THR B 103 -32.13 30.87 -25.41
N GLY B 104 -32.56 29.64 -25.03
CA GLY B 104 -31.82 28.72 -24.16
C GLY B 104 -32.17 28.87 -22.68
N HIS B 105 -33.30 29.51 -22.36
CA HIS B 105 -33.71 29.84 -20.97
C HIS B 105 -34.95 29.07 -20.55
N VAL B 106 -35.08 28.82 -19.25
CA VAL B 106 -36.28 28.18 -18.62
C VAL B 106 -37.12 29.27 -17.93
N GLY B 107 -36.46 30.28 -17.37
CA GLY B 107 -37.08 31.58 -17.03
C GLY B 107 -37.15 31.85 -15.53
N PHE B 108 -36.00 31.80 -14.84
CA PHE B 108 -35.89 32.34 -13.46
C PHE B 108 -34.59 33.13 -13.26
N ILE B 109 -34.57 33.82 -12.14
CA ILE B 109 -33.42 34.55 -11.54
C ILE B 109 -33.23 33.97 -10.14
N PHE B 110 -31.94 33.76 -9.78
CA PHE B 110 -31.51 33.16 -8.50
C PHE B 110 -30.25 33.91 -8.05
N LYS B 111 -30.03 33.97 -6.72
CA LYS B 111 -28.80 34.47 -6.05
C LYS B 111 -28.38 33.47 -4.95
N ASN B 112 -27.10 33.11 -4.89
CA ASN B 112 -26.57 32.06 -3.96
C ASN B 112 -27.45 30.78 -4.05
N GLY B 113 -27.92 30.45 -5.27
CA GLY B 113 -28.73 29.26 -5.53
C GLY B 113 -30.15 29.31 -4.94
N LYS B 114 -30.66 30.48 -4.52
CA LYS B 114 -32.07 30.69 -4.12
C LYS B 114 -32.84 31.42 -5.23
N ILE B 115 -33.97 30.87 -5.66
CA ILE B 115 -34.76 31.47 -6.78
C ILE B 115 -35.38 32.72 -6.19
N THR B 116 -35.30 33.83 -6.95
CA THR B 116 -35.74 35.18 -6.51
C THR B 116 -36.71 35.77 -7.51
N SER B 117 -36.80 35.25 -8.72
CA SER B 117 -37.78 35.80 -9.68
C SER B 117 -38.02 34.79 -10.80
N ILE B 118 -39.29 34.73 -11.23
CA ILE B 118 -39.81 33.85 -12.31
C ILE B 118 -40.10 34.75 -13.50
N VAL B 119 -39.53 34.46 -14.65
CA VAL B 119 -39.72 35.28 -15.87
C VAL B 119 -41.13 35.03 -16.38
N LYS B 120 -41.81 36.13 -16.70
CA LYS B 120 -43.20 36.15 -17.23
C LYS B 120 -43.27 35.22 -18.44
N ASP B 121 -44.34 34.43 -18.54
CA ASP B 121 -44.69 33.63 -19.76
C ASP B 121 -43.46 32.88 -20.26
N SER B 122 -42.75 32.22 -19.32
CA SER B 122 -41.63 31.25 -19.51
C SER B 122 -42.07 29.83 -19.13
N SER B 123 -41.23 28.83 -19.41
CA SER B 123 -41.48 27.43 -18.97
C SER B 123 -41.59 27.38 -17.43
N ALA B 124 -40.76 28.12 -16.71
CA ALA B 124 -40.73 28.13 -15.24
C ALA B 124 -42.08 28.65 -14.69
N ALA B 125 -42.68 29.59 -15.41
CA ALA B 125 -44.00 30.17 -15.17
C ALA B 125 -45.06 29.08 -15.38
N ARG B 126 -45.16 28.54 -16.61
CA ARG B 126 -46.06 27.41 -16.98
C ARG B 126 -46.02 26.28 -15.95
N ASN B 127 -44.86 25.99 -15.36
CA ASN B 127 -44.66 24.79 -14.48
C ASN B 127 -44.64 25.14 -12.99
N GLY B 128 -45.00 26.39 -12.58
CA GLY B 128 -45.31 26.77 -11.20
C GLY B 128 -44.09 26.85 -10.31
N LEU B 129 -42.94 27.22 -10.89
CA LEU B 129 -41.67 27.31 -10.14
C LEU B 129 -41.86 28.44 -9.14
N LEU B 130 -41.47 28.24 -7.89
CA LEU B 130 -41.71 29.19 -6.78
C LEU B 130 -40.45 30.00 -6.47
N THR B 131 -40.61 31.23 -5.98
CA THR B 131 -39.47 31.97 -5.40
C THR B 131 -39.31 31.48 -3.95
N GLU B 132 -38.12 31.89 -3.42
CA GLU B 132 -37.78 31.67 -2.00
C GLU B 132 -37.54 30.19 -1.78
N HIS B 133 -37.15 29.48 -2.87
CA HIS B 133 -36.81 28.04 -2.87
C HIS B 133 -35.34 27.95 -3.30
N ASN B 134 -34.51 27.23 -2.53
CA ASN B 134 -33.11 26.92 -2.90
C ASN B 134 -33.06 25.76 -3.89
N ILE B 135 -32.19 25.89 -4.90
CA ILE B 135 -31.83 24.81 -5.87
C ILE B 135 -30.87 23.81 -5.20
N CYS B 136 -31.32 22.55 -5.07
CA CYS B 136 -30.68 21.39 -4.39
C CYS B 136 -30.02 20.49 -5.44
N GLU B 137 -30.73 20.28 -6.56
CA GLU B 137 -30.23 19.44 -7.68
C GLU B 137 -30.68 20.08 -8.99
N ILE B 138 -29.94 19.75 -10.05
CA ILE B 138 -30.26 19.98 -11.48
C ILE B 138 -30.00 18.67 -12.22
N ASN B 139 -31.00 18.12 -12.89
CA ASN B 139 -30.98 16.78 -13.53
C ASN B 139 -30.43 15.73 -12.55
N GLY B 140 -30.60 15.93 -11.23
CA GLY B 140 -30.30 14.90 -10.21
C GLY B 140 -28.89 15.07 -9.72
N GLN B 141 -28.28 16.15 -10.20
CA GLN B 141 -26.94 16.55 -9.79
C GLN B 141 -27.10 17.53 -8.64
N ASN B 142 -26.76 17.11 -7.42
CA ASN B 142 -26.53 18.00 -6.27
C ASN B 142 -25.62 19.19 -6.63
N VAL B 143 -26.08 20.41 -6.36
CA VAL B 143 -25.37 21.67 -6.66
C VAL B 143 -25.32 22.54 -5.36
N ILE B 144 -25.30 21.88 -4.21
CA ILE B 144 -25.16 22.58 -2.90
C ILE B 144 -23.69 22.88 -2.55
N GLY B 145 -23.42 24.16 -2.31
CA GLY B 145 -22.09 24.74 -2.05
C GLY B 145 -21.44 25.20 -3.33
N LEU B 146 -21.98 24.89 -4.52
CA LEU B 146 -21.46 25.49 -5.78
C LEU B 146 -21.91 26.94 -5.83
N LYS B 147 -21.26 27.70 -6.69
CA LYS B 147 -21.47 29.16 -6.91
C LYS B 147 -22.44 29.33 -8.08
N ASP B 148 -23.10 30.47 -8.08
CA ASP B 148 -24.08 30.88 -9.11
C ASP B 148 -23.51 30.62 -10.51
N SER B 149 -22.27 31.01 -10.76
CA SER B 149 -21.65 30.79 -12.10
C SER B 149 -21.75 29.27 -12.46
N GLN B 150 -21.35 28.39 -11.50
CA GLN B 150 -21.13 26.95 -11.82
C GLN B 150 -22.52 26.33 -12.04
N ILE B 151 -23.50 26.69 -11.20
CA ILE B 151 -24.93 26.30 -11.36
C ILE B 151 -25.40 26.75 -12.74
N ALA B 152 -25.16 28.00 -13.09
CA ALA B 152 -25.47 28.55 -14.43
C ALA B 152 -24.85 27.69 -15.53
N ASP B 153 -23.59 27.26 -15.40
CA ASP B 153 -22.89 26.45 -16.44
C ASP B 153 -23.60 25.10 -16.63
N ILE B 154 -23.90 24.41 -15.52
CA ILE B 154 -24.67 23.13 -15.50
C ILE B 154 -26.03 23.34 -16.20
N LEU B 155 -26.68 24.46 -16.00
CA LEU B 155 -27.95 24.73 -16.70
C LEU B 155 -27.70 24.75 -18.19
N SER B 156 -26.66 25.47 -18.64
CA SER B 156 -26.29 25.56 -20.08
C SER B 156 -25.89 24.17 -20.60
N THR B 157 -24.96 23.44 -19.95
CA THR B 157 -24.47 22.10 -20.44
C THR B 157 -25.68 21.16 -20.57
N SER B 158 -26.58 21.19 -19.60
CA SER B 158 -27.85 20.41 -19.58
C SER B 158 -28.54 20.54 -20.94
N GLY B 159 -29.30 19.54 -21.34
CA GLY B 159 -30.01 19.54 -22.63
C GLY B 159 -31.16 20.55 -22.66
N THR B 160 -32.15 20.32 -23.52
CA THR B 160 -33.37 21.17 -23.64
C THR B 160 -34.28 20.93 -22.43
N VAL B 161 -34.52 19.66 -22.08
CA VAL B 161 -35.39 19.30 -20.93
C VAL B 161 -34.55 19.44 -19.66
N VAL B 162 -34.84 20.41 -18.79
CA VAL B 162 -34.15 20.56 -17.48
C VAL B 162 -35.10 20.11 -16.38
N THR B 163 -34.57 19.58 -15.30
CA THR B 163 -35.35 19.22 -14.10
C THR B 163 -34.60 19.79 -12.90
N ILE B 164 -35.28 20.55 -12.06
CA ILE B 164 -34.72 21.20 -10.83
C ILE B 164 -35.46 20.58 -9.63
N THR B 165 -34.73 20.20 -8.60
CA THR B 165 -35.20 19.75 -7.28
C THR B 165 -35.01 20.97 -6.37
N ILE B 166 -36.05 21.39 -5.64
CA ILE B 166 -36.03 22.62 -4.85
C ILE B 166 -36.54 22.36 -3.45
N MET B 167 -36.13 23.26 -2.57
CA MET B 167 -36.41 23.20 -1.13
C MET B 167 -36.78 24.62 -0.69
N PRO B 168 -37.91 24.76 0.08
CA PRO B 168 -38.28 26.06 0.67
C PRO B 168 -37.08 26.64 1.44
N ALA B 169 -36.84 27.94 1.32
CA ALA B 169 -35.62 28.59 1.87
C ALA B 169 -35.48 28.33 3.36
N PHE B 170 -36.54 28.59 4.12
N PHE B 170 -36.52 28.63 4.15
CA PHE B 170 -36.54 28.50 5.61
CA PHE B 170 -36.53 28.48 5.63
C PHE B 170 -35.93 27.12 6.05
C PHE B 170 -35.88 27.12 6.01
N ILE B 171 -36.38 26.05 5.26
CA ILE B 171 -35.96 24.65 5.60
C ILE B 171 -34.49 24.43 5.23
N PHE B 172 -34.05 24.89 4.06
CA PHE B 172 -32.62 24.81 3.66
C PHE B 172 -31.76 25.57 4.68
N GLU B 173 -32.23 26.75 5.12
CA GLU B 173 -31.54 27.60 6.13
C GLU B 173 -31.38 26.83 7.45
N HIS B 174 -32.26 25.84 7.72
CA HIS B 174 -32.26 25.02 8.97
C HIS B 174 -31.34 23.79 8.79
N ILE B 175 -31.44 23.09 7.66
CA ILE B 175 -30.69 21.81 7.42
C ILE B 175 -29.16 22.06 7.32
N ILE B 176 -28.71 23.20 6.80
CA ILE B 176 -27.27 23.51 6.62
C ILE B 176 -26.65 24.06 7.91
N LYS B 177 -27.42 24.44 8.92
CA LYS B 177 -26.90 24.82 10.25
C LYS B 177 -26.06 23.67 10.82
N ARG B 178 -25.11 23.99 11.70
CA ARG B 178 -24.11 23.04 12.29
C ARG B 178 -23.23 22.44 11.19
N MET B 179 -22.75 23.25 10.23
CA MET B 179 -21.87 22.74 9.15
C MET B 179 -21.14 23.94 8.51
N ALA B 180 -19.80 23.87 8.50
CA ALA B 180 -18.89 24.93 8.05
C ALA B 180 -18.91 24.98 6.53
N PRO B 181 -19.20 26.15 5.90
CA PRO B 181 -19.41 26.21 4.45
C PRO B 181 -18.24 25.69 3.59
N SER B 182 -17.03 25.60 4.15
CA SER B 182 -15.85 25.02 3.46
C SER B 182 -16.04 23.51 3.32
N ILE B 183 -16.50 22.86 4.39
CA ILE B 183 -16.85 21.41 4.40
C ILE B 183 -17.82 21.15 3.23
N MET B 184 -18.86 21.97 3.13
CA MET B 184 -19.93 21.82 2.13
C MET B 184 -19.41 22.26 0.75
N LYS B 185 -18.53 23.24 0.71
CA LYS B 185 -17.95 23.65 -0.58
C LYS B 185 -17.00 22.55 -1.08
N SER B 186 -16.35 21.78 -0.21
CA SER B 186 -15.21 20.90 -0.59
C SER B 186 -15.55 19.41 -0.55
N LEU B 187 -16.56 18.99 0.24
CA LEU B 187 -16.91 17.56 0.42
C LEU B 187 -18.19 17.20 -0.32
N MET B 188 -19.19 18.11 -0.39
CA MET B 188 -20.53 17.81 -0.95
C MET B 188 -20.35 17.01 -2.23
N ASP B 189 -20.97 15.84 -2.24
CA ASP B 189 -21.09 15.01 -3.44
C ASP B 189 -21.73 15.86 -4.54
N HIS B 190 -21.20 15.84 -5.73
CA HIS B 190 -21.72 16.63 -6.87
C HIS B 190 -21.75 15.76 -8.15
N THR B 191 -21.67 14.42 -7.90
CA THR B 191 -21.63 13.36 -8.95
C THR B 191 -22.76 13.57 -9.94
N ILE B 192 -22.65 13.01 -11.12
CA ILE B 192 -23.81 12.87 -12.03
C ILE B 192 -24.43 11.50 -11.76
N PRO B 193 -25.77 11.45 -11.56
CA PRO B 193 -26.48 10.21 -11.29
C PRO B 193 -26.03 9.07 -12.22
N GLU B 194 -25.64 7.93 -11.65
CA GLU B 194 -25.16 6.73 -12.40
C GLU B 194 -26.39 5.84 -12.61
N VAL B 195 -26.42 5.00 -13.63
CA VAL B 195 -27.39 3.86 -13.72
C VAL B 195 -26.62 2.54 -13.59
N ALA C 3 15.77 -25.65 10.09
CA ALA C 3 14.76 -24.75 9.43
C ALA C 3 13.58 -24.47 10.38
N GLU C 4 12.77 -25.50 10.67
CA GLU C 4 11.38 -25.40 11.20
C GLU C 4 11.38 -24.82 12.62
N ILE C 5 10.51 -23.81 12.89
CA ILE C 5 10.38 -23.12 14.20
C ILE C 5 9.63 -24.06 15.17
N LYS C 6 10.30 -24.45 16.27
CA LYS C 6 9.71 -25.19 17.42
C LYS C 6 8.76 -24.26 18.18
N GLN C 7 8.16 -24.74 19.27
CA GLN C 7 7.42 -23.90 20.24
C GLN C 7 7.62 -24.46 21.67
N GLY C 8 7.87 -23.55 22.61
CA GLY C 8 8.57 -23.87 23.85
C GLY C 8 10.07 -23.66 23.71
N ILE C 9 10.80 -24.29 24.60
CA ILE C 9 12.02 -23.78 25.25
C ILE C 9 13.04 -24.92 25.24
N ARG C 10 14.32 -24.65 24.99
CA ARG C 10 15.37 -25.68 25.23
C ARG C 10 16.48 -25.08 26.08
N GLU C 11 17.16 -25.94 26.84
CA GLU C 11 18.44 -25.64 27.53
C GLU C 11 19.58 -25.98 26.56
N VAL C 12 20.69 -25.22 26.57
CA VAL C 12 21.96 -25.63 25.89
C VAL C 12 23.16 -25.48 26.85
N ILE C 13 24.01 -26.50 26.89
CA ILE C 13 25.28 -26.55 27.69
C ILE C 13 26.43 -26.18 26.76
N LEU C 14 27.21 -25.16 27.15
CA LEU C 14 28.21 -24.50 26.26
C LEU C 14 29.55 -24.42 26.99
N CYS C 15 30.67 -24.48 26.26
CA CYS C 15 32.04 -24.32 26.79
C CYS C 15 32.80 -23.25 25.99
N LYS C 16 33.52 -22.37 26.69
CA LYS C 16 34.36 -21.32 26.06
C LYS C 16 35.47 -22.04 25.28
N ASP C 17 35.92 -21.48 24.16
CA ASP C 17 37.01 -22.12 23.39
C ASP C 17 38.36 -21.77 24.04
N GLN C 18 39.45 -22.17 23.38
CA GLN C 18 40.85 -21.86 23.70
C GLN C 18 41.03 -20.34 23.93
N ASP C 19 40.51 -19.54 23.00
CA ASP C 19 40.56 -18.05 23.06
C ASP C 19 39.56 -17.50 24.11
N GLY C 20 38.79 -18.38 24.81
CA GLY C 20 37.91 -18.03 25.94
C GLY C 20 36.62 -17.34 25.49
N LYS C 21 36.05 -17.79 24.37
CA LYS C 21 34.91 -17.20 23.64
C LYS C 21 33.86 -18.27 23.33
N ILE C 22 32.62 -17.85 23.10
CA ILE C 22 31.54 -18.75 22.57
C ILE C 22 31.19 -18.33 21.15
N GLY C 23 31.53 -17.10 20.74
CA GLY C 23 31.19 -16.58 19.39
C GLY C 23 29.76 -16.08 19.33
N LEU C 24 29.38 -15.17 20.23
CA LEU C 24 28.02 -14.56 20.33
C LEU C 24 28.07 -13.03 20.35
N ARG C 25 27.05 -12.42 19.78
CA ARG C 25 26.64 -11.03 20.11
C ARG C 25 25.15 -11.05 20.50
N LEU C 26 24.83 -10.36 21.60
CA LEU C 26 23.48 -10.31 22.22
C LEU C 26 22.93 -8.88 22.14
N LYS C 27 21.62 -8.73 21.95
CA LYS C 27 20.96 -7.40 21.87
C LYS C 27 19.69 -7.37 22.73
N SER C 28 19.55 -6.33 23.58
CA SER C 28 18.28 -5.97 24.29
C SER C 28 17.21 -5.65 23.26
N ILE C 29 16.09 -6.40 23.27
CA ILE C 29 14.81 -6.02 22.56
C ILE C 29 13.62 -6.18 23.51
N ASP C 30 12.79 -5.14 23.69
CA ASP C 30 11.51 -5.24 24.45
C ASP C 30 11.77 -5.96 25.78
N ASN C 31 12.83 -5.55 26.46
CA ASN C 31 13.31 -6.06 27.77
C ASN C 31 13.56 -7.57 27.76
N GLY C 32 13.95 -8.08 26.61
CA GLY C 32 14.62 -9.39 26.50
C GLY C 32 16.03 -9.31 25.94
N ILE C 33 16.63 -10.48 25.81
CA ILE C 33 17.99 -10.64 25.20
C ILE C 33 17.84 -11.61 24.04
N PHE C 34 18.23 -11.14 22.86
CA PHE C 34 18.24 -11.92 21.60
C PHE C 34 19.67 -11.99 21.01
N VAL C 35 19.89 -12.98 20.14
CA VAL C 35 21.13 -13.24 19.38
C VAL C 35 21.09 -12.40 18.10
N GLN C 36 22.05 -11.48 17.94
CA GLN C 36 22.26 -10.71 16.68
C GLN C 36 23.42 -11.31 15.87
N LEU C 37 24.21 -12.20 16.47
CA LEU C 37 25.32 -12.82 15.71
C LEU C 37 25.73 -14.11 16.39
N VAL C 38 25.80 -15.17 15.59
CA VAL C 38 26.59 -16.40 15.85
C VAL C 38 27.72 -16.40 14.84
N GLN C 39 28.98 -16.57 15.28
CA GLN C 39 30.12 -16.77 14.33
C GLN C 39 30.20 -18.23 13.91
N ALA C 40 30.50 -18.52 12.64
CA ALA C 40 30.70 -19.91 12.14
C ALA C 40 31.78 -20.63 12.97
N ASN C 41 31.63 -21.95 13.13
N ASN C 41 31.66 -21.96 13.06
CA ASN C 41 32.62 -22.86 13.78
CA ASN C 41 32.55 -22.90 13.80
C ASN C 41 32.89 -22.42 15.23
C ASN C 41 32.90 -22.32 15.19
N SER C 42 31.88 -21.89 15.93
CA SER C 42 32.02 -21.39 17.33
C SER C 42 31.26 -22.35 18.25
N PRO C 43 31.59 -22.39 19.55
CA PRO C 43 30.78 -23.18 20.48
C PRO C 43 29.29 -22.85 20.37
N ALA C 44 28.96 -21.56 20.20
CA ALA C 44 27.59 -21.08 19.91
C ALA C 44 27.01 -21.83 18.70
N SER C 45 27.67 -21.76 17.54
CA SER C 45 27.12 -22.35 16.29
C SER C 45 27.01 -23.88 16.42
N LEU C 46 27.98 -24.51 17.07
CA LEU C 46 28.08 -26.00 17.13
C LEU C 46 26.97 -26.52 18.05
N VAL C 47 26.58 -25.73 19.05
CA VAL C 47 25.61 -26.16 20.09
C VAL C 47 24.19 -25.88 19.54
N GLY C 48 24.06 -25.17 18.41
CA GLY C 48 22.82 -24.96 17.64
C GLY C 48 22.18 -23.57 17.81
N LEU C 49 22.78 -22.64 18.53
CA LEU C 49 22.26 -21.25 18.65
C LEU C 49 22.17 -20.64 17.25
N ARG C 50 21.15 -19.81 17.02
CA ARG C 50 20.88 -19.17 15.72
C ARG C 50 20.50 -17.71 15.93
N PHE C 51 20.78 -16.91 14.91
CA PHE C 51 20.25 -15.54 14.78
C PHE C 51 18.77 -15.51 15.17
N GLY C 52 18.43 -14.68 16.16
CA GLY C 52 17.04 -14.36 16.53
C GLY C 52 16.55 -15.15 17.74
N ASP C 53 17.34 -16.11 18.24
CA ASP C 53 17.02 -16.85 19.49
C ASP C 53 16.90 -15.88 20.66
N GLN C 54 15.98 -16.15 21.58
CA GLN C 54 15.81 -15.42 22.84
C GLN C 54 16.61 -16.19 23.89
N VAL C 55 17.44 -15.50 24.68
CA VAL C 55 18.11 -16.03 25.91
C VAL C 55 17.28 -15.58 27.12
N LEU C 56 16.60 -16.50 27.78
CA LEU C 56 15.78 -16.25 28.99
C LEU C 56 16.70 -16.29 30.21
N GLN C 57 17.57 -17.32 30.26
CA GLN C 57 18.54 -17.53 31.37
C GLN C 57 19.95 -17.85 30.86
N ILE C 58 20.93 -17.38 31.65
CA ILE C 58 22.37 -17.70 31.52
C ILE C 58 22.78 -18.16 32.92
N ASN C 59 23.24 -19.41 33.05
CA ASN C 59 23.74 -19.96 34.34
C ASN C 59 22.66 -19.71 35.41
N GLY C 60 21.38 -19.92 35.04
CA GLY C 60 20.21 -19.91 35.93
C GLY C 60 19.69 -18.53 36.23
N GLU C 61 20.46 -17.48 35.95
CA GLU C 61 20.03 -16.07 36.12
C GLU C 61 19.07 -15.75 34.98
N ASN C 62 18.05 -14.93 35.22
CA ASN C 62 17.07 -14.44 34.22
C ASN C 62 17.66 -13.26 33.44
N CYS C 63 17.58 -13.27 32.11
CA CYS C 63 18.15 -12.20 31.26
C CYS C 63 17.25 -10.95 31.25
N ALA C 64 15.99 -11.05 31.72
CA ALA C 64 14.96 -10.00 31.60
C ALA C 64 15.48 -8.63 32.09
N GLY C 65 15.35 -7.59 31.25
CA GLY C 65 15.73 -6.21 31.59
C GLY C 65 17.20 -5.87 31.30
N TRP C 66 18.09 -6.87 31.19
CA TRP C 66 19.55 -6.69 30.96
C TRP C 66 19.75 -5.86 29.69
N SER C 67 20.59 -4.83 29.79
CA SER C 67 21.27 -4.20 28.62
C SER C 67 22.10 -5.26 27.89
N SER C 68 22.31 -5.03 26.60
CA SER C 68 23.30 -5.75 25.77
C SER C 68 24.66 -5.74 26.49
N ASP C 69 25.15 -4.57 26.92
CA ASP C 69 26.36 -4.43 27.78
C ASP C 69 26.34 -5.47 28.91
N LYS C 70 25.25 -5.60 29.65
CA LYS C 70 25.27 -6.41 30.88
C LYS C 70 25.27 -7.88 30.50
N ALA C 71 24.58 -8.26 29.42
CA ALA C 71 24.59 -9.67 28.93
C ALA C 71 26.03 -10.03 28.48
N HIS C 72 26.73 -9.14 27.79
CA HIS C 72 28.14 -9.36 27.35
C HIS C 72 29.04 -9.53 28.58
N LYS C 73 28.99 -8.60 29.54
CA LYS C 73 29.88 -8.63 30.72
C LYS C 73 29.69 -9.94 31.50
N VAL C 74 28.43 -10.39 31.69
CA VAL C 74 28.07 -11.64 32.42
C VAL C 74 28.77 -12.84 31.76
N LEU C 75 28.69 -12.95 30.44
CA LEU C 75 29.24 -14.12 29.72
C LEU C 75 30.77 -14.07 29.81
N LYS C 76 31.36 -12.93 29.46
CA LYS C 76 32.79 -12.62 29.62
C LYS C 76 33.26 -13.17 30.97
N GLN C 77 32.45 -12.98 32.04
CA GLN C 77 32.88 -13.23 33.44
C GLN C 77 32.67 -14.68 33.83
N ALA C 78 31.88 -15.43 33.08
CA ALA C 78 31.54 -16.85 33.38
C ALA C 78 32.76 -17.73 33.14
N PHE C 79 33.15 -18.56 34.11
CA PHE C 79 34.38 -19.40 34.06
C PHE C 79 34.17 -20.78 34.69
N GLY C 80 33.07 -21.01 35.43
CA GLY C 80 32.69 -22.33 35.95
C GLY C 80 33.39 -23.46 35.19
N GLU C 81 32.77 -23.94 34.10
CA GLU C 81 33.35 -24.95 33.17
C GLU C 81 32.45 -25.04 31.94
N LYS C 82 31.19 -25.41 32.18
CA LYS C 82 30.07 -25.32 31.20
C LYS C 82 29.31 -24.02 31.46
N ILE C 83 28.88 -23.34 30.40
CA ILE C 83 27.89 -22.23 30.46
C ILE C 83 26.53 -22.84 30.09
N THR C 84 25.53 -22.76 30.99
CA THR C 84 24.11 -23.22 30.74
C THR C 84 23.30 -22.02 30.25
N MET C 85 22.52 -22.22 29.18
CA MET C 85 21.64 -21.18 28.58
C MET C 85 20.26 -21.77 28.30
N THR C 86 19.21 -21.05 28.72
CA THR C 86 17.78 -21.37 28.39
C THR C 86 17.38 -20.52 27.18
N ILE C 87 16.92 -21.16 26.11
CA ILE C 87 16.71 -20.54 24.77
C ILE C 87 15.23 -20.71 24.37
N ARG C 88 14.68 -19.72 23.67
CA ARG C 88 13.39 -19.81 22.93
C ARG C 88 13.69 -19.64 21.44
N ASP C 89 13.14 -20.54 20.62
CA ASP C 89 13.47 -20.67 19.17
C ASP C 89 12.90 -19.47 18.41
N ARG C 90 13.76 -18.55 18.04
CA ARG C 90 13.55 -17.51 17.00
C ARG C 90 12.15 -16.88 17.08
N PRO C 91 11.75 -16.35 18.25
CA PRO C 91 10.38 -15.95 18.52
C PRO C 91 9.77 -14.90 17.58
N PHE C 92 10.61 -14.08 16.94
CA PHE C 92 10.18 -13.01 16.01
C PHE C 92 10.16 -13.54 14.58
N GLU C 93 10.37 -14.84 14.37
CA GLU C 93 10.44 -15.38 12.98
C GLU C 93 9.43 -16.49 12.71
N ARG C 94 9.05 -16.63 11.44
N ARG C 94 9.02 -16.66 11.45
CA ARG C 94 8.20 -17.72 10.90
CA ARG C 94 8.18 -17.78 10.97
C ARG C 94 8.83 -18.32 9.63
C ARG C 94 8.69 -18.28 9.62
N THR C 95 8.54 -19.58 9.34
CA THR C 95 9.00 -20.23 8.08
C THR C 95 7.78 -20.43 7.16
N ILE C 96 7.96 -20.17 5.88
CA ILE C 96 6.94 -20.34 4.81
C ILE C 96 7.54 -21.38 3.86
N THR C 97 6.81 -22.45 3.56
CA THR C 97 7.17 -23.42 2.50
C THR C 97 6.44 -23.05 1.20
N MET C 98 7.20 -22.87 0.13
CA MET C 98 6.73 -22.60 -1.24
C MET C 98 7.27 -23.66 -2.22
N HIS C 99 6.57 -23.81 -3.36
CA HIS C 99 6.89 -24.70 -4.49
C HIS C 99 7.16 -23.83 -5.73
N LYS C 100 8.35 -23.93 -6.32
CA LYS C 100 8.71 -23.12 -7.53
C LYS C 100 7.82 -23.48 -8.71
N ASP C 101 7.43 -22.52 -9.56
CA ASP C 101 6.61 -22.79 -10.78
C ASP C 101 7.48 -23.55 -11.79
N SER C 102 7.05 -23.72 -13.04
CA SER C 102 7.77 -24.52 -14.08
C SER C 102 9.09 -23.84 -14.46
N THR C 103 9.04 -22.53 -14.71
CA THR C 103 10.22 -21.67 -15.01
C THR C 103 11.17 -21.62 -13.80
N GLY C 104 10.77 -22.10 -12.62
CA GLY C 104 11.67 -22.18 -11.45
C GLY C 104 11.69 -20.88 -10.65
N HIS C 105 10.62 -20.11 -10.71
CA HIS C 105 10.42 -18.86 -9.92
C HIS C 105 9.56 -19.19 -8.69
N VAL C 106 9.90 -18.62 -7.52
CA VAL C 106 9.17 -18.88 -6.24
C VAL C 106 7.93 -17.97 -6.13
N GLY C 107 8.08 -16.71 -6.57
CA GLY C 107 7.04 -15.69 -6.71
C GLY C 107 7.23 -14.47 -5.81
N PHE C 108 8.46 -13.99 -5.60
CA PHE C 108 8.69 -12.74 -4.83
C PHE C 108 9.91 -11.96 -5.36
N ILE C 109 9.96 -10.67 -5.04
CA ILE C 109 11.09 -9.73 -5.26
C ILE C 109 11.58 -9.29 -3.88
N PHE C 110 12.91 -9.23 -3.73
CA PHE C 110 13.62 -8.71 -2.53
C PHE C 110 14.70 -7.70 -2.99
N LYS C 111 15.04 -6.75 -2.11
CA LYS C 111 16.17 -5.80 -2.21
C LYS C 111 16.77 -5.69 -0.81
N ASN C 112 18.06 -5.98 -0.67
CA ASN C 112 18.82 -6.02 0.62
C ASN C 112 18.23 -7.11 1.52
N GLY C 113 17.82 -8.22 0.92
CA GLY C 113 17.29 -9.39 1.62
C GLY C 113 15.92 -9.11 2.22
N LYS C 114 15.23 -8.05 1.81
CA LYS C 114 13.89 -7.67 2.34
C LYS C 114 12.86 -7.85 1.23
N ILE C 115 11.88 -8.72 1.44
CA ILE C 115 10.81 -9.00 0.45
C ILE C 115 10.03 -7.71 0.18
N THR C 116 9.74 -7.40 -1.08
CA THR C 116 9.24 -6.06 -1.52
C THR C 116 8.04 -6.19 -2.48
N SER C 117 7.91 -7.30 -3.22
CA SER C 117 6.66 -7.63 -3.97
C SER C 117 6.42 -9.13 -4.00
N ILE C 118 5.16 -9.51 -3.94
CA ILE C 118 4.68 -10.90 -4.17
C ILE C 118 4.11 -10.91 -5.59
N VAL C 119 4.25 -12.05 -6.27
CA VAL C 119 3.66 -12.25 -7.62
C VAL C 119 2.23 -12.75 -7.40
N LYS C 120 1.25 -12.13 -8.07
CA LYS C 120 -0.14 -12.64 -8.17
C LYS C 120 -0.09 -14.09 -8.68
N ASP C 121 -0.78 -15.00 -7.97
CA ASP C 121 -0.97 -16.42 -8.38
C ASP C 121 0.41 -17.07 -8.49
N SER C 122 1.17 -16.98 -7.40
CA SER C 122 2.44 -17.70 -7.12
C SER C 122 2.27 -18.45 -5.79
N SER C 123 3.16 -19.39 -5.52
CA SER C 123 3.15 -20.17 -4.25
C SER C 123 3.45 -19.22 -3.07
N ALA C 124 4.24 -18.19 -3.31
CA ALA C 124 4.46 -17.10 -2.36
C ALA C 124 3.07 -16.60 -1.91
N ALA C 125 2.27 -16.14 -2.87
CA ALA C 125 0.94 -15.58 -2.64
C ALA C 125 0.10 -16.62 -1.89
N ARG C 126 -0.04 -17.82 -2.46
CA ARG C 126 -0.92 -18.91 -1.97
C ARG C 126 -0.60 -19.19 -0.49
N ASN C 127 0.68 -19.07 -0.12
CA ASN C 127 1.17 -19.38 1.26
C ASN C 127 1.31 -18.10 2.10
N GLY C 128 1.11 -16.93 1.46
CA GLY C 128 0.92 -15.65 2.17
C GLY C 128 2.21 -15.15 2.80
N LEU C 129 3.29 -15.27 2.04
CA LEU C 129 4.55 -14.49 2.23
C LEU C 129 4.19 -13.01 2.20
N LEU C 130 4.77 -12.25 3.11
CA LEU C 130 4.45 -10.82 3.26
C LEU C 130 5.63 -9.99 2.74
N THR C 131 5.33 -8.77 2.29
CA THR C 131 6.38 -7.78 1.96
C THR C 131 6.82 -7.17 3.26
N GLU C 132 7.87 -6.36 3.22
CA GLU C 132 8.36 -5.67 4.43
C GLU C 132 8.89 -6.70 5.44
N HIS C 133 9.37 -7.84 4.93
CA HIS C 133 9.94 -8.92 5.78
C HIS C 133 11.38 -9.22 5.31
N ASN C 134 12.29 -9.38 6.27
CA ASN C 134 13.69 -9.80 6.03
C ASN C 134 13.77 -11.34 6.04
N ILE C 135 14.45 -11.85 5.03
CA ILE C 135 14.77 -13.29 4.86
C ILE C 135 15.94 -13.57 5.80
N CYS C 136 15.68 -14.26 6.90
CA CYS C 136 16.68 -14.70 7.88
C CYS C 136 17.40 -15.98 7.40
N GLU C 137 16.70 -16.92 6.77
CA GLU C 137 17.26 -18.23 6.37
C GLU C 137 16.51 -18.74 5.14
N ILE C 138 17.18 -19.55 4.34
CA ILE C 138 16.60 -20.43 3.28
C ILE C 138 17.02 -21.86 3.59
N ASN C 139 16.07 -22.78 3.62
CA ASN C 139 16.16 -24.17 4.15
C ASN C 139 17.11 -24.24 5.33
N GLY C 140 16.87 -23.46 6.39
CA GLY C 140 17.70 -23.49 7.63
C GLY C 140 19.05 -22.80 7.49
N GLN C 141 19.43 -22.38 6.28
CA GLN C 141 20.71 -21.70 6.03
C GLN C 141 20.56 -20.19 6.28
N ASN C 142 21.17 -19.67 7.34
CA ASN C 142 21.24 -18.22 7.63
C ASN C 142 21.77 -17.48 6.40
N VAL C 143 21.12 -16.40 5.96
CA VAL C 143 21.67 -15.59 4.83
C VAL C 143 21.90 -14.14 5.26
N ILE C 144 22.13 -13.92 6.55
CA ILE C 144 22.24 -12.52 7.05
C ILE C 144 23.65 -11.97 6.79
N GLY C 145 23.70 -10.91 5.99
CA GLY C 145 24.91 -10.24 5.49
C GLY C 145 25.25 -10.67 4.07
N LEU C 146 24.66 -11.76 3.59
CA LEU C 146 24.79 -12.20 2.18
C LEU C 146 24.17 -11.12 1.29
N LYS C 147 24.71 -10.93 0.08
CA LYS C 147 24.24 -9.92 -0.90
C LYS C 147 23.01 -10.50 -1.59
N ASP C 148 22.26 -9.66 -2.29
CA ASP C 148 21.05 -10.11 -3.00
C ASP C 148 21.45 -11.21 -4.00
N SER C 149 22.60 -11.04 -4.68
CA SER C 149 23.14 -11.98 -5.71
C SER C 149 23.56 -13.30 -5.05
N GLN C 150 24.02 -13.30 -3.79
CA GLN C 150 24.27 -14.57 -3.05
C GLN C 150 22.93 -15.25 -2.73
N ILE C 151 21.95 -14.47 -2.23
CA ILE C 151 20.59 -14.93 -1.80
C ILE C 151 19.88 -15.56 -3.01
N ALA C 152 19.96 -14.88 -4.16
CA ALA C 152 19.38 -15.35 -5.45
C ALA C 152 20.02 -16.70 -5.87
N ASP C 153 21.35 -16.79 -5.81
CA ASP C 153 22.11 -17.99 -6.27
C ASP C 153 21.69 -19.19 -5.39
N ILE C 154 21.49 -18.94 -4.08
CA ILE C 154 20.98 -19.98 -3.14
C ILE C 154 19.56 -20.37 -3.58
N LEU C 155 18.66 -19.40 -3.82
CA LEU C 155 17.25 -19.74 -4.12
C LEU C 155 17.25 -20.69 -5.32
N SER C 156 18.04 -20.35 -6.35
CA SER C 156 18.08 -21.11 -7.63
C SER C 156 18.41 -22.57 -7.36
N THR C 157 19.36 -22.85 -6.47
CA THR C 157 19.99 -24.18 -6.25
C THR C 157 19.37 -24.88 -5.03
N SER C 158 18.15 -24.52 -4.61
CA SER C 158 17.29 -25.47 -3.87
C SER C 158 16.38 -26.16 -4.87
N GLY C 159 15.75 -27.25 -4.45
CA GLY C 159 14.78 -27.98 -5.26
C GLY C 159 13.48 -27.21 -5.35
N THR C 160 12.45 -27.86 -5.89
CA THR C 160 11.14 -27.21 -6.18
C THR C 160 10.56 -26.68 -4.86
N VAL C 161 10.82 -27.35 -3.73
CA VAL C 161 10.38 -26.97 -2.35
C VAL C 161 11.46 -26.10 -1.68
N VAL C 162 11.26 -24.79 -1.72
CA VAL C 162 11.96 -23.72 -0.94
C VAL C 162 11.19 -23.45 0.36
N THR C 163 11.86 -23.46 1.50
CA THR C 163 11.38 -22.95 2.79
C THR C 163 12.13 -21.64 3.13
N ILE C 164 11.43 -20.57 3.48
CA ILE C 164 12.03 -19.25 3.88
C ILE C 164 11.62 -18.95 5.32
N THR C 165 12.55 -18.53 6.17
CA THR C 165 12.36 -18.05 7.54
C THR C 165 12.38 -16.53 7.45
N ILE C 166 11.29 -15.86 7.83
CA ILE C 166 11.15 -14.38 7.71
C ILE C 166 10.93 -13.77 9.09
N MET C 167 11.23 -12.47 9.14
CA MET C 167 11.17 -11.56 10.31
C MET C 167 10.65 -10.21 9.82
N PRO C 168 9.59 -9.64 10.44
CA PRO C 168 9.09 -8.33 10.05
C PRO C 168 10.25 -7.35 10.09
N ALA C 169 10.35 -6.46 9.09
CA ALA C 169 11.59 -5.68 8.83
C ALA C 169 11.95 -4.77 10.00
N PHE C 170 10.96 -4.20 10.69
N PHE C 170 10.97 -4.17 10.69
CA PHE C 170 11.16 -3.20 11.79
CA PHE C 170 11.19 -3.20 11.79
C PHE C 170 11.87 -3.87 12.96
C PHE C 170 11.90 -3.89 12.95
N ILE C 171 11.55 -5.14 13.24
CA ILE C 171 12.20 -5.94 14.33
C ILE C 171 13.61 -6.32 13.89
N PHE C 172 13.78 -6.59 12.61
CA PHE C 172 15.07 -6.98 12.02
C PHE C 172 16.04 -5.78 12.12
N GLU C 173 15.60 -4.61 11.66
CA GLU C 173 16.40 -3.36 11.72
C GLU C 173 16.79 -3.10 13.18
N HIS C 174 15.87 -3.29 14.13
CA HIS C 174 16.17 -3.16 15.58
C HIS C 174 17.26 -4.17 16.00
N ILE C 175 17.14 -5.45 15.60
CA ILE C 175 18.02 -6.52 16.14
C ILE C 175 19.48 -6.34 15.67
N ILE C 176 19.72 -5.72 14.50
CA ILE C 176 21.08 -5.59 13.89
C ILE C 176 21.73 -4.24 14.23
N LYS C 177 21.09 -3.34 14.99
CA LYS C 177 21.79 -2.23 15.70
C LYS C 177 22.98 -2.80 16.48
N ARG C 178 24.00 -1.95 16.76
CA ARG C 178 25.26 -2.30 17.51
C ARG C 178 26.14 -3.22 16.65
N MET C 179 25.89 -3.20 15.34
CA MET C 179 26.57 -4.10 14.40
C MET C 179 26.77 -3.36 13.09
N ALA C 180 27.99 -3.45 12.54
CA ALA C 180 28.42 -2.81 11.29
C ALA C 180 28.22 -3.81 10.15
N PRO C 181 27.45 -3.48 9.09
CA PRO C 181 27.21 -4.42 8.00
C PRO C 181 28.44 -5.23 7.55
N SER C 182 29.63 -4.64 7.50
CA SER C 182 30.89 -5.32 7.08
C SER C 182 31.22 -6.47 8.05
N ILE C 183 31.10 -6.26 9.36
CA ILE C 183 31.55 -7.21 10.43
C ILE C 183 30.56 -8.38 10.53
N MET C 184 29.29 -8.13 10.25
CA MET C 184 28.19 -9.12 10.30
C MET C 184 28.37 -10.09 9.13
N LYS C 185 28.50 -9.52 7.93
CA LYS C 185 28.80 -10.20 6.64
C LYS C 185 29.95 -11.22 6.76
N SER C 186 31.03 -10.90 7.48
CA SER C 186 32.28 -11.71 7.50
C SER C 186 32.35 -12.62 8.73
N LEU C 187 31.55 -12.39 9.77
CA LEU C 187 31.54 -13.26 10.97
C LEU C 187 30.27 -14.15 11.02
N MET C 188 29.13 -13.75 10.42
CA MET C 188 27.82 -14.41 10.65
C MET C 188 27.83 -15.83 10.08
N ASP C 189 27.65 -16.82 10.97
CA ASP C 189 27.45 -18.24 10.64
C ASP C 189 26.53 -18.35 9.41
N HIS C 190 27.05 -18.83 8.28
CA HIS C 190 26.31 -19.11 7.02
C HIS C 190 26.38 -20.62 6.73
N THR C 191 26.69 -21.39 7.77
CA THR C 191 26.92 -22.85 7.73
C THR C 191 25.66 -23.57 7.27
N ILE C 192 25.84 -24.64 6.51
CA ILE C 192 24.88 -25.77 6.35
C ILE C 192 25.35 -26.85 7.31
N PRO C 193 24.54 -27.21 8.34
CA PRO C 193 25.04 -28.04 9.44
C PRO C 193 25.12 -29.52 9.03
N GLU C 194 24.08 -30.03 8.36
CA GLU C 194 23.96 -31.45 7.91
C GLU C 194 23.23 -31.49 6.56
N VAL C 195 23.63 -32.38 5.67
CA VAL C 195 23.10 -32.42 4.28
C VAL C 195 22.40 -33.75 4.06
N ILE D 5 22.92 2.16 -33.17
CA ILE D 5 23.34 3.21 -34.16
C ILE D 5 23.40 2.58 -35.56
N LYS D 6 24.20 3.16 -36.46
CA LYS D 6 24.50 2.64 -37.83
C LYS D 6 25.62 3.49 -38.46
N GLN D 7 26.55 2.85 -39.19
CA GLN D 7 27.66 3.51 -39.92
C GLN D 7 27.26 3.77 -41.37
N GLY D 8 27.03 5.05 -41.71
CA GLY D 8 26.52 5.48 -43.03
C GLY D 8 25.31 6.41 -42.90
N ILE D 9 24.64 6.66 -44.02
CA ILE D 9 23.67 7.77 -44.22
C ILE D 9 22.32 7.18 -44.62
N ARG D 10 21.28 8.02 -44.76
CA ARG D 10 19.95 7.63 -45.31
C ARG D 10 19.17 8.89 -45.71
N GLU D 11 18.50 8.87 -46.87
CA GLU D 11 17.49 9.88 -47.25
C GLU D 11 16.23 9.57 -46.46
N VAL D 12 15.47 10.56 -46.03
CA VAL D 12 14.04 10.37 -45.61
C VAL D 12 13.17 11.39 -46.35
N ILE D 13 11.92 11.01 -46.61
CA ILE D 13 10.89 11.82 -47.32
C ILE D 13 9.70 11.96 -46.38
N LEU D 14 9.37 13.20 -46.02
CA LEU D 14 8.33 13.63 -45.05
C LEU D 14 7.26 14.44 -45.81
N CYS D 15 6.08 14.54 -45.21
CA CYS D 15 5.01 15.53 -45.50
C CYS D 15 4.69 16.32 -44.23
N LYS D 16 4.49 17.62 -44.36
CA LYS D 16 4.00 18.45 -43.24
C LYS D 16 2.61 17.94 -42.82
N ASP D 17 2.26 17.97 -41.54
CA ASP D 17 0.91 17.54 -41.07
C ASP D 17 -0.16 18.62 -41.34
N GLN D 18 -1.31 18.59 -40.66
CA GLN D 18 -2.48 19.49 -40.95
C GLN D 18 -2.10 20.93 -40.56
N ASP D 19 -1.22 21.12 -39.57
CA ASP D 19 -0.78 22.46 -39.12
C ASP D 19 0.51 22.95 -39.80
N GLY D 20 1.02 22.27 -40.84
CA GLY D 20 2.25 22.68 -41.54
C GLY D 20 3.50 22.31 -40.75
N LYS D 21 3.38 21.28 -39.90
CA LYS D 21 4.41 20.88 -38.91
C LYS D 21 4.97 19.51 -39.31
N ILE D 22 6.31 19.38 -39.19
CA ILE D 22 7.09 18.12 -39.40
C ILE D 22 7.28 17.39 -38.06
N GLY D 23 7.44 18.15 -36.97
CA GLY D 23 7.67 17.61 -35.61
C GLY D 23 9.14 17.54 -35.21
N LEU D 24 9.91 18.63 -35.37
CA LEU D 24 11.36 18.72 -35.07
C LEU D 24 11.75 20.00 -34.33
N ARG D 25 12.80 19.87 -33.51
CA ARG D 25 13.74 20.97 -33.23
C ARG D 25 15.18 20.57 -33.64
N LEU D 26 15.88 21.55 -34.19
CA LEU D 26 17.23 21.45 -34.76
C LEU D 26 18.17 22.32 -33.93
N LYS D 27 19.38 21.84 -33.62
CA LYS D 27 20.39 22.61 -32.85
C LYS D 27 21.71 22.66 -33.62
N SER D 28 22.39 23.81 -33.65
CA SER D 28 23.70 23.98 -34.34
C SER D 28 24.77 23.44 -33.40
N ILE D 29 25.52 22.43 -33.86
CA ILE D 29 26.71 21.92 -33.10
C ILE D 29 27.89 21.78 -34.07
N ASP D 30 28.96 22.54 -33.87
CA ASP D 30 30.25 22.28 -34.57
C ASP D 30 30.02 22.35 -36.08
N ASN D 31 29.20 23.30 -36.52
CA ASN D 31 28.90 23.63 -37.93
C ASN D 31 28.13 22.48 -38.60
N GLY D 32 27.57 21.59 -37.76
CA GLY D 32 26.52 20.62 -38.13
C GLY D 32 25.14 21.05 -37.62
N ILE D 33 24.09 20.42 -38.13
CA ILE D 33 22.70 20.52 -37.64
C ILE D 33 22.27 19.16 -37.06
N PHE D 34 21.90 19.18 -35.79
CA PHE D 34 21.47 17.97 -35.04
C PHE D 34 20.00 18.13 -34.62
N VAL D 35 19.35 17.00 -34.47
CA VAL D 35 17.96 16.85 -33.96
C VAL D 35 18.00 16.96 -32.44
N GLN D 36 17.32 17.99 -31.91
CA GLN D 36 17.21 18.31 -30.45
C GLN D 36 15.95 17.66 -29.86
N LEU D 37 14.93 17.52 -30.70
CA LEU D 37 13.62 16.92 -30.34
C LEU D 37 12.95 16.32 -31.56
N VAL D 38 12.36 15.16 -31.34
CA VAL D 38 11.39 14.55 -32.27
C VAL D 38 10.08 14.41 -31.49
N GLN D 39 8.99 14.97 -32.05
CA GLN D 39 7.60 14.89 -31.47
C GLN D 39 6.94 13.50 -31.64
N ALA D 40 6.51 12.92 -30.52
CA ALA D 40 5.57 11.76 -30.45
C ALA D 40 4.47 11.85 -31.53
N ASN D 41 4.47 10.91 -32.46
CA ASN D 41 3.47 10.62 -33.53
C ASN D 41 3.45 11.80 -34.51
N SER D 42 4.63 12.37 -34.77
CA SER D 42 4.88 13.37 -35.83
C SER D 42 5.31 12.69 -37.12
N PRO D 43 5.18 13.40 -38.27
CA PRO D 43 5.85 12.97 -39.49
C PRO D 43 7.34 12.69 -39.31
N ALA D 44 8.03 13.52 -38.53
CA ALA D 44 9.43 13.25 -38.17
C ALA D 44 9.52 11.82 -37.59
N SER D 45 8.78 11.54 -36.52
CA SER D 45 8.91 10.24 -35.80
C SER D 45 8.45 9.08 -36.70
N LEU D 46 7.37 9.23 -37.49
CA LEU D 46 6.84 8.12 -38.32
C LEU D 46 7.88 7.73 -39.39
N VAL D 47 8.79 8.64 -39.80
CA VAL D 47 9.84 8.29 -40.80
C VAL D 47 11.12 7.85 -40.08
N GLY D 48 11.13 7.79 -38.75
CA GLY D 48 12.28 7.25 -38.00
C GLY D 48 13.40 8.23 -37.67
N LEU D 49 13.16 9.55 -37.67
CA LEU D 49 14.08 10.56 -37.07
C LEU D 49 14.16 10.36 -35.56
N ARG D 50 15.35 10.60 -35.00
CA ARG D 50 15.63 10.39 -33.56
C ARG D 50 16.47 11.52 -33.00
N PHE D 51 16.34 11.74 -31.71
CA PHE D 51 17.21 12.67 -30.96
C PHE D 51 18.67 12.32 -31.29
N GLY D 52 19.50 13.32 -31.60
CA GLY D 52 20.92 13.10 -31.92
C GLY D 52 21.24 12.91 -33.41
N ASP D 53 20.25 12.71 -34.25
CA ASP D 53 20.51 12.54 -35.70
C ASP D 53 21.14 13.82 -36.25
N GLN D 54 22.09 13.68 -37.17
CA GLN D 54 22.69 14.82 -37.91
C GLN D 54 21.90 15.06 -39.18
N VAL D 55 21.58 16.30 -39.52
CA VAL D 55 20.89 16.59 -40.80
C VAL D 55 21.90 17.18 -41.78
N LEU D 56 22.27 16.42 -42.82
CA LEU D 56 23.35 16.77 -43.77
C LEU D 56 22.79 17.72 -44.83
N GLN D 57 21.69 17.32 -45.46
CA GLN D 57 20.93 18.13 -46.44
C GLN D 57 19.47 18.19 -46.00
N ILE D 58 18.81 19.29 -46.41
CA ILE D 58 17.35 19.45 -46.53
C ILE D 58 17.07 19.84 -47.99
N ASN D 59 16.24 19.05 -48.67
CA ASN D 59 15.77 19.33 -50.04
C ASN D 59 17.00 19.56 -50.92
N GLY D 60 18.01 18.68 -50.81
CA GLY D 60 19.25 18.73 -51.59
C GLY D 60 20.30 19.66 -51.02
N GLU D 61 19.92 20.71 -50.27
CA GLU D 61 20.81 21.82 -49.84
C GLU D 61 21.55 21.41 -48.57
N ASN D 62 22.86 21.72 -48.49
CA ASN D 62 23.75 21.34 -47.35
C ASN D 62 23.35 22.18 -46.13
N CYS D 63 23.46 21.61 -44.93
CA CYS D 63 23.17 22.31 -43.67
C CYS D 63 24.46 22.86 -43.07
N ALA D 64 25.65 22.47 -43.57
CA ALA D 64 26.97 22.87 -43.04
C ALA D 64 26.98 24.38 -42.84
N GLY D 65 27.25 24.83 -41.61
CA GLY D 65 27.34 26.28 -41.28
C GLY D 65 26.05 26.87 -40.71
N TRP D 66 24.90 26.23 -40.92
CA TRP D 66 23.57 26.84 -40.63
C TRP D 66 23.45 27.07 -39.11
N SER D 67 23.05 28.26 -38.69
CA SER D 67 22.45 28.47 -37.35
C SER D 67 21.18 27.60 -37.24
N SER D 68 20.83 27.19 -36.02
CA SER D 68 19.50 26.69 -35.61
C SER D 68 18.39 27.47 -36.33
N ASP D 69 18.39 28.81 -36.21
CA ASP D 69 17.37 29.72 -36.80
C ASP D 69 17.22 29.45 -38.29
N LYS D 70 18.34 29.41 -39.02
CA LYS D 70 18.27 29.19 -40.49
C LYS D 70 17.66 27.81 -40.77
N ALA D 71 17.96 26.79 -39.96
CA ALA D 71 17.50 25.41 -40.23
C ALA D 71 15.99 25.38 -40.05
N HIS D 72 15.52 25.79 -38.86
CA HIS D 72 14.08 26.05 -38.55
C HIS D 72 13.42 26.86 -39.68
N LYS D 73 13.95 28.02 -40.03
CA LYS D 73 13.34 28.89 -41.07
C LYS D 73 13.21 28.12 -42.38
N VAL D 74 14.24 27.37 -42.78
CA VAL D 74 14.30 26.68 -44.10
C VAL D 74 13.24 25.58 -44.15
N LEU D 75 13.02 24.89 -43.03
CA LEU D 75 12.00 23.82 -42.96
C LEU D 75 10.60 24.46 -42.96
N LYS D 76 10.43 25.58 -42.24
CA LYS D 76 9.13 26.31 -42.18
C LYS D 76 8.71 26.70 -43.60
N GLN D 77 9.66 27.25 -44.37
CA GLN D 77 9.41 27.78 -45.74
C GLN D 77 9.39 26.68 -46.81
N ALA D 78 9.66 25.41 -46.48
CA ALA D 78 9.56 24.27 -47.44
C ALA D 78 8.08 23.96 -47.80
N PHE D 79 7.77 23.91 -49.09
CA PHE D 79 6.52 23.29 -49.62
C PHE D 79 6.34 21.91 -48.98
N GLY D 80 5.23 21.67 -48.29
CA GLY D 80 5.10 20.57 -47.32
C GLY D 80 4.80 19.24 -47.96
N GLU D 81 4.48 19.26 -49.26
CA GLU D 81 3.93 18.10 -50.03
C GLU D 81 4.95 16.96 -50.01
N LYS D 82 6.22 17.30 -50.27
CA LYS D 82 7.38 16.36 -50.16
C LYS D 82 8.61 17.15 -49.68
N ILE D 83 9.17 16.79 -48.52
CA ILE D 83 10.52 17.26 -48.08
C ILE D 83 11.47 16.05 -48.02
N THR D 84 12.70 16.20 -48.52
CA THR D 84 13.77 15.18 -48.40
C THR D 84 14.81 15.68 -47.38
N MET D 85 15.32 14.79 -46.55
CA MET D 85 16.45 15.05 -45.62
C MET D 85 17.46 13.90 -45.78
N THR D 86 18.75 14.22 -45.82
CA THR D 86 19.85 13.22 -45.75
C THR D 86 20.36 13.22 -44.32
N ILE D 87 20.35 12.07 -43.67
CA ILE D 87 20.53 11.90 -42.19
C ILE D 87 21.78 11.07 -41.93
N ARG D 88 22.58 11.44 -40.93
CA ARG D 88 23.61 10.50 -40.42
C ARG D 88 23.11 10.08 -39.05
N ASP D 89 23.14 8.79 -38.74
CA ASP D 89 22.55 8.23 -37.50
C ASP D 89 23.37 8.60 -36.27
N ARG D 90 22.77 9.39 -35.37
CA ARG D 90 23.20 9.56 -33.96
C ARG D 90 24.74 9.54 -33.88
N PRO D 91 25.44 10.46 -34.59
CA PRO D 91 26.89 10.39 -34.75
C PRO D 91 27.59 10.59 -33.41
N PHE D 92 26.96 11.27 -32.46
CA PHE D 92 27.59 11.56 -31.15
C PHE D 92 27.30 10.47 -30.11
N GLU D 93 26.66 9.36 -30.48
CA GLU D 93 26.15 8.34 -29.52
C GLU D 93 26.67 6.93 -29.90
N ARG D 94 26.86 6.07 -28.90
CA ARG D 94 27.16 4.62 -29.07
C ARG D 94 26.20 3.78 -28.23
N THR D 95 26.03 2.51 -28.62
CA THR D 95 25.15 1.54 -27.91
C THR D 95 26.02 0.57 -27.13
N ILE D 96 25.63 0.26 -25.89
CA ILE D 96 26.27 -0.74 -25.02
C ILE D 96 25.24 -1.81 -24.66
N THR D 97 25.50 -3.07 -25.06
CA THR D 97 24.62 -4.23 -24.80
C THR D 97 25.08 -4.90 -23.51
N MET D 98 24.21 -5.02 -22.50
CA MET D 98 24.52 -5.73 -21.24
C MET D 98 23.49 -6.83 -20.97
N HIS D 99 23.73 -7.60 -19.92
CA HIS D 99 22.90 -8.71 -19.43
C HIS D 99 22.66 -8.49 -17.93
N LYS D 100 21.40 -8.58 -17.48
CA LYS D 100 21.05 -8.50 -16.05
C LYS D 100 21.59 -9.72 -15.29
N ASP D 101 22.21 -9.47 -14.14
CA ASP D 101 22.57 -10.52 -13.15
C ASP D 101 21.26 -11.14 -12.63
N SER D 102 21.41 -12.14 -11.74
CA SER D 102 20.31 -12.89 -11.06
C SER D 102 19.30 -11.93 -10.36
N THR D 103 19.77 -10.74 -9.95
CA THR D 103 19.01 -9.72 -9.19
C THR D 103 18.46 -8.64 -10.12
N GLY D 104 18.65 -8.78 -11.43
CA GLY D 104 18.01 -7.97 -12.48
C GLY D 104 18.62 -6.59 -12.63
N HIS D 105 19.94 -6.47 -12.44
CA HIS D 105 20.78 -5.24 -12.50
C HIS D 105 21.91 -5.44 -13.52
N VAL D 106 22.24 -4.40 -14.26
CA VAL D 106 23.34 -4.49 -15.26
C VAL D 106 24.62 -3.91 -14.66
N GLY D 107 24.52 -2.99 -13.71
CA GLY D 107 25.60 -2.53 -12.80
C GLY D 107 26.00 -1.09 -13.04
N PHE D 108 25.10 -0.12 -12.77
CA PHE D 108 25.47 1.30 -12.76
C PHE D 108 24.56 2.16 -11.91
N ILE D 109 25.14 3.28 -11.49
CA ILE D 109 24.47 4.41 -10.79
C ILE D 109 24.37 5.58 -11.77
N PHE D 110 23.24 6.25 -11.77
CA PHE D 110 22.97 7.45 -12.58
C PHE D 110 22.21 8.46 -11.72
N LYS D 111 22.31 9.70 -12.12
CA LYS D 111 21.55 10.83 -11.54
C LYS D 111 21.26 11.80 -12.67
N ASN D 112 20.02 12.30 -12.74
CA ASN D 112 19.59 13.23 -13.81
C ASN D 112 19.89 12.57 -15.16
N GLY D 113 19.81 11.24 -15.17
CA GLY D 113 19.98 10.40 -16.36
C GLY D 113 21.42 10.28 -16.84
N LYS D 114 22.39 10.76 -16.06
CA LYS D 114 23.84 10.75 -16.36
C LYS D 114 24.50 9.65 -15.53
N ILE D 115 25.21 8.70 -16.16
CA ILE D 115 25.91 7.58 -15.45
C ILE D 115 26.97 8.22 -14.55
N THR D 116 27.07 7.82 -13.27
CA THR D 116 27.98 8.42 -12.27
C THR D 116 28.90 7.38 -11.65
N SER D 117 28.58 6.10 -11.62
CA SER D 117 29.54 5.06 -11.15
C SER D 117 29.22 3.72 -11.78
N ILE D 118 30.28 2.95 -12.08
CA ILE D 118 30.19 1.56 -12.61
C ILE D 118 30.44 0.62 -11.44
N VAL D 119 29.62 -0.42 -11.32
CA VAL D 119 29.74 -1.46 -10.26
C VAL D 119 30.86 -2.41 -10.68
N LYS D 120 31.58 -2.99 -9.72
CA LYS D 120 32.69 -3.96 -9.99
C LYS D 120 32.09 -5.35 -10.26
N ASP D 121 32.58 -6.02 -11.31
CA ASP D 121 32.16 -7.38 -11.76
C ASP D 121 30.72 -7.32 -12.30
N SER D 122 30.27 -6.16 -12.70
CA SER D 122 28.94 -5.98 -13.31
C SER D 122 29.08 -6.24 -14.81
N SER D 123 27.96 -6.51 -15.47
CA SER D 123 27.89 -6.51 -16.94
C SER D 123 28.21 -5.12 -17.51
N ALA D 124 27.95 -4.02 -16.79
CA ALA D 124 28.36 -2.66 -17.24
C ALA D 124 29.89 -2.56 -17.38
N ALA D 125 30.59 -3.04 -16.35
CA ALA D 125 32.06 -3.06 -16.22
C ALA D 125 32.62 -3.87 -17.40
N ARG D 126 32.24 -5.16 -17.51
CA ARG D 126 32.65 -6.09 -18.59
C ARG D 126 32.50 -5.43 -19.96
N ASN D 127 31.43 -4.68 -20.23
CA ASN D 127 31.20 -4.13 -21.60
C ASN D 127 31.80 -2.68 -21.78
N GLY D 128 32.38 -2.15 -20.66
CA GLY D 128 33.03 -0.80 -20.61
C GLY D 128 32.06 0.37 -20.78
N LEU D 129 30.94 0.36 -20.04
CA LEU D 129 30.06 1.54 -19.90
C LEU D 129 30.85 2.63 -19.18
N LEU D 130 30.76 3.86 -19.63
CA LEU D 130 31.55 5.01 -19.10
C LEU D 130 30.68 5.85 -18.16
N THR D 131 31.33 6.50 -17.19
CA THR D 131 30.68 7.55 -16.37
C THR D 131 30.74 8.82 -17.22
N GLU D 132 29.92 9.82 -16.80
CA GLU D 132 29.93 11.17 -17.43
C GLU D 132 29.29 11.09 -18.82
N HIS D 133 28.40 10.06 -18.96
CA HIS D 133 27.62 9.84 -20.22
C HIS D 133 26.14 9.91 -19.87
N ASN D 134 25.37 10.57 -20.72
CA ASN D 134 23.90 10.75 -20.55
C ASN D 134 23.22 9.61 -21.33
N ILE D 135 22.27 8.95 -20.65
CA ILE D 135 21.39 7.90 -21.23
C ILE D 135 20.41 8.59 -22.17
N CYS D 136 20.44 8.22 -23.44
CA CYS D 136 19.65 8.80 -24.54
C CYS D 136 18.48 7.83 -24.85
N GLU D 137 18.77 6.52 -24.96
CA GLU D 137 17.81 5.48 -25.38
C GLU D 137 18.06 4.27 -24.49
N ILE D 138 17.00 3.56 -24.15
CA ILE D 138 17.07 2.17 -23.62
C ILE D 138 16.34 1.25 -24.58
N ASN D 139 17.07 0.28 -25.13
CA ASN D 139 16.54 -0.67 -26.12
C ASN D 139 15.87 0.12 -27.23
N GLY D 140 16.47 1.22 -27.67
CA GLY D 140 15.97 1.98 -28.82
C GLY D 140 14.92 3.02 -28.42
N GLN D 141 14.39 2.96 -27.18
CA GLN D 141 13.38 3.91 -26.67
C GLN D 141 14.02 5.15 -26.05
N ASN D 142 13.75 6.32 -26.64
CA ASN D 142 14.20 7.64 -26.15
C ASN D 142 13.71 7.84 -24.71
N VAL D 143 14.61 8.28 -23.81
CA VAL D 143 14.31 8.54 -22.36
C VAL D 143 14.86 9.96 -21.93
N ILE D 144 14.95 10.87 -22.92
CA ILE D 144 15.30 12.31 -22.68
C ILE D 144 14.09 13.11 -22.16
N GLY D 145 14.27 13.66 -20.97
CA GLY D 145 13.20 14.29 -20.20
C GLY D 145 12.69 13.43 -19.07
N LEU D 146 12.80 12.12 -19.14
CA LEU D 146 12.11 11.29 -18.11
C LEU D 146 12.86 11.49 -16.79
N LYS D 147 12.17 11.30 -15.69
CA LYS D 147 12.74 11.29 -14.32
C LYS D 147 13.58 10.02 -14.20
N ASP D 148 14.51 10.00 -13.25
CA ASP D 148 15.30 8.80 -12.91
C ASP D 148 14.39 7.64 -12.59
N SER D 149 13.23 7.88 -11.94
CA SER D 149 12.30 6.79 -11.56
C SER D 149 11.76 6.15 -12.82
N GLN D 150 11.35 6.95 -13.81
CA GLN D 150 10.85 6.39 -15.10
C GLN D 150 11.97 5.58 -15.77
N ILE D 151 13.19 6.13 -15.82
CA ILE D 151 14.39 5.46 -16.42
C ILE D 151 14.63 4.14 -15.67
N ALA D 152 14.71 4.17 -14.34
CA ALA D 152 14.77 2.94 -13.51
C ALA D 152 13.74 1.90 -13.97
N ASP D 153 12.45 2.29 -14.02
CA ASP D 153 11.29 1.42 -14.37
C ASP D 153 11.50 0.79 -15.74
N ILE D 154 11.90 1.59 -16.74
CA ILE D 154 12.14 1.12 -18.14
C ILE D 154 13.26 0.06 -18.13
N LEU D 155 14.32 0.26 -17.34
CA LEU D 155 15.39 -0.77 -17.17
C LEU D 155 14.76 -2.07 -16.64
N SER D 156 13.91 -2.05 -15.59
CA SER D 156 13.41 -3.31 -14.97
C SER D 156 12.47 -4.04 -15.92
N THR D 157 11.72 -3.33 -16.76
CA THR D 157 10.73 -3.98 -17.64
C THR D 157 11.44 -4.45 -18.90
N SER D 158 12.75 -4.26 -19.02
CA SER D 158 13.55 -4.72 -20.18
C SER D 158 13.71 -6.25 -20.06
N GLY D 159 13.84 -6.94 -21.21
CA GLY D 159 14.40 -8.30 -21.29
C GLY D 159 15.77 -8.40 -20.63
N THR D 160 16.29 -9.63 -20.45
CA THR D 160 17.60 -9.88 -19.78
C THR D 160 18.70 -9.03 -20.47
N VAL D 161 18.70 -9.04 -21.80
CA VAL D 161 19.56 -8.24 -22.71
C VAL D 161 19.00 -6.83 -22.71
N VAL D 162 19.80 -5.87 -22.21
CA VAL D 162 19.53 -4.40 -22.09
C VAL D 162 20.58 -3.62 -22.89
N THR D 163 20.17 -2.95 -23.97
CA THR D 163 21.02 -2.07 -24.81
C THR D 163 20.77 -0.60 -24.45
N ILE D 164 21.78 0.10 -23.91
CA ILE D 164 21.68 1.55 -23.56
C ILE D 164 22.42 2.36 -24.62
N THR D 165 21.84 3.49 -25.05
CA THR D 165 22.49 4.44 -25.96
C THR D 165 23.01 5.60 -25.09
N ILE D 166 24.32 5.88 -25.19
CA ILE D 166 24.99 6.91 -24.34
C ILE D 166 25.56 8.00 -25.23
N MET D 167 25.69 9.17 -24.62
CA MET D 167 26.25 10.41 -25.20
C MET D 167 27.14 11.00 -24.12
N PRO D 168 28.37 11.47 -24.47
CA PRO D 168 29.22 12.18 -23.52
C PRO D 168 28.47 13.41 -22.99
N ALA D 169 28.50 13.61 -21.66
CA ALA D 169 27.74 14.63 -20.89
C ALA D 169 27.86 16.02 -21.52
N PHE D 170 29.06 16.41 -21.96
N PHE D 170 29.06 16.35 -22.00
CA PHE D 170 29.33 17.79 -22.43
CA PHE D 170 29.44 17.72 -22.45
C PHE D 170 28.47 18.07 -23.70
C PHE D 170 28.59 18.09 -23.73
N ILE D 171 28.47 17.06 -24.64
CA ILE D 171 27.77 17.21 -25.96
C ILE D 171 26.26 17.23 -25.72
N PHE D 172 25.74 16.38 -24.81
CA PHE D 172 24.31 16.34 -24.44
C PHE D 172 23.90 17.66 -23.76
N GLU D 173 24.83 18.25 -22.99
CA GLU D 173 24.60 19.53 -22.30
C GLU D 173 24.46 20.64 -23.34
N HIS D 174 25.01 20.41 -24.54
CA HIS D 174 25.11 21.38 -25.67
C HIS D 174 23.94 21.21 -26.64
N ILE D 175 23.48 19.96 -26.84
CA ILE D 175 22.34 19.67 -27.75
C ILE D 175 21.06 20.13 -27.03
N ILE D 176 20.94 20.00 -25.71
CA ILE D 176 19.64 20.34 -25.07
C ILE D 176 19.54 21.84 -24.76
N LYS D 177 20.59 22.64 -24.92
CA LYS D 177 20.52 24.10 -24.69
C LYS D 177 19.47 24.72 -25.63
N ARG D 178 18.82 25.80 -25.20
CA ARG D 178 17.83 26.55 -26.05
C ARG D 178 16.62 25.65 -26.29
N MET D 179 16.23 24.81 -25.31
CA MET D 179 15.02 23.94 -25.35
C MET D 179 14.37 23.91 -23.96
N ALA D 180 13.19 24.50 -23.84
CA ALA D 180 12.46 24.65 -22.56
C ALA D 180 12.14 23.26 -22.03
N PRO D 181 12.46 23.00 -20.75
CA PRO D 181 12.12 21.72 -20.12
C PRO D 181 10.66 21.25 -20.32
N SER D 182 9.71 22.17 -20.41
CA SER D 182 8.26 21.88 -20.55
C SER D 182 7.98 21.37 -21.97
N ILE D 183 8.71 21.87 -22.96
CA ILE D 183 8.64 21.37 -24.36
C ILE D 183 9.19 19.92 -24.40
N MET D 184 10.33 19.72 -23.74
CA MET D 184 11.04 18.42 -23.74
C MET D 184 10.15 17.38 -23.08
N LYS D 185 9.53 17.81 -21.98
CA LYS D 185 8.66 16.95 -21.13
C LYS D 185 7.29 16.79 -21.77
N SER D 186 6.82 17.64 -22.67
CA SER D 186 5.47 17.42 -23.24
C SER D 186 5.49 17.01 -24.72
N LEU D 187 6.59 17.20 -25.45
CA LEU D 187 6.63 16.87 -26.91
C LEU D 187 7.52 15.66 -27.23
N MET D 188 8.58 15.37 -26.43
CA MET D 188 9.66 14.41 -26.84
C MET D 188 9.09 12.99 -27.02
N ASP D 189 9.21 12.45 -28.24
CA ASP D 189 8.95 11.03 -28.58
C ASP D 189 9.60 10.02 -27.61
N HIS D 190 8.80 9.12 -27.04
CA HIS D 190 9.21 8.00 -26.15
C HIS D 190 8.49 6.74 -26.55
N THR D 191 7.95 6.71 -27.77
CA THR D 191 7.09 5.61 -28.27
C THR D 191 7.98 4.41 -28.56
N ILE D 192 7.47 3.19 -28.30
CA ILE D 192 8.09 1.92 -28.74
C ILE D 192 7.31 1.45 -29.95
N PRO D 193 7.80 0.43 -30.69
CA PRO D 193 7.09 -0.07 -31.87
C PRO D 193 5.92 -0.99 -31.50
N GLU D 194 6.07 -1.73 -30.39
CA GLU D 194 5.04 -2.64 -29.84
C GLU D 194 5.44 -2.96 -28.40
N VAL D 195 4.55 -3.66 -27.67
CA VAL D 195 4.89 -4.26 -26.35
C VAL D 195 4.86 -5.80 -26.50
N1 UQS E . -4.76 -4.40 23.78
C4 UQS E . -7.46 -0.24 21.82
C5 UQS E . -7.71 -0.52 23.17
C6 UQS E . -8.30 -1.86 23.56
C7 UQS E . -6.56 -3.43 24.45
C8 UQS E . -5.41 -3.26 23.73
N UQS E . -7.58 -2.44 24.68
C UQS E . -7.44 0.42 24.15
C1 UQS E . -6.89 1.65 23.80
C2 UQS E . -6.64 1.92 22.46
C3 UQS E . -6.93 0.98 21.47
C9 UQS E . -6.58 -4.72 24.93
F UQS E . -7.70 0.11 25.46
N2 UQS E . -5.48 -5.32 24.51
C1 EDO F . 4.67 -3.11 9.76
O1 EDO F . 4.13 -3.51 8.52
C2 EDO F . 3.74 -3.37 10.88
O2 EDO F . 2.46 -3.74 10.45
N1 UQS G . -27.78 25.76 -4.13
C4 UQS G . -24.70 27.00 -0.19
C5 UQS G . -24.49 28.26 -0.77
C6 UQS G . -24.30 28.43 -2.28
C7 UQS G . -26.06 26.77 -3.21
C8 UQS G . -26.50 26.04 -4.30
N UQS G . -24.69 27.26 -3.05
C UQS G . -24.50 29.39 0.06
C1 UQS G . -24.69 29.26 1.44
C2 UQS G . -24.89 28.01 2.00
C3 UQS G . -24.88 26.90 1.18
C9 UQS G . -27.15 26.90 -2.36
F UQS G . -24.31 30.64 -0.46
N2 UQS G . -28.20 26.27 -2.93
C1 EDO H . -38.15 24.45 9.63
O1 EDO H . -37.56 23.18 9.46
C2 EDO H . -38.84 24.50 10.92
O2 EDO H . -38.40 23.49 11.84
C1 EDO I . -25.04 13.85 -6.32
O1 EDO I . -24.98 14.72 -7.43
C2 EDO I . -26.16 12.85 -6.40
O2 EDO I . -27.42 13.38 -6.80
N DGL J . -30.34 20.35 18.92
CA DGL J . -29.70 20.76 17.64
C DGL J . -29.32 19.50 16.84
O DGL J . -29.25 18.39 17.37
CB DGL J . -30.62 21.71 16.87
CG DGL J . -31.98 21.11 16.52
CD DGL J . -32.88 22.01 15.68
OE1 DGL J . -32.48 23.14 15.35
OE2 DGL J . -34.00 21.56 15.36
OXT DGL J . -29.08 19.57 15.63
N1 UQS K . 18.22 -9.68 4.99
C4 UQS K . 21.86 -7.29 6.01
C5 UQS K . 21.98 -6.88 4.67
C6 UQS K . 21.86 -7.84 3.48
C7 UQS K . 20.25 -9.64 4.27
C8 UQS K . 19.25 -8.89 4.81
N UQS K . 21.58 -9.21 3.88
C UQS K . 22.21 -5.52 4.41
C1 UQS K . 22.32 -4.60 5.45
C2 UQS K . 22.20 -5.02 6.77
C3 UQS K . 21.95 -6.36 7.04
C9 UQS K . 19.75 -10.92 4.12
F UQS K . 22.34 -5.11 3.10
N2 UQS K . 18.51 -10.95 4.57
C1 EDO L . 22.83 -21.96 10.72
O1 EDO L . 21.55 -22.14 10.14
C2 EDO L . 23.72 -21.15 9.85
O2 EDO L . 23.21 -21.05 8.54
C1 EDO M . 11.20 -3.64 17.56
O1 EDO M . 11.89 -4.74 18.12
C2 EDO M . 10.31 -2.97 18.54
O2 EDO M . 10.71 -3.10 19.88
C1 EDO N . 6.09 -11.68 14.52
O1 EDO N . 6.44 -12.51 13.43
C2 EDO N . 6.62 -12.14 15.84
O2 EDO N . 5.67 -12.18 16.90
N GLY O . 19.35 -0.07 24.47
CA GLY O . 20.20 -0.67 25.54
C GLY O . 20.84 -1.97 25.08
O GLY O . 21.39 -2.71 25.90
OXT GLY O . 20.83 -2.30 23.88
N1 UQS P . 19.78 12.31 -20.10
C4 UQS P . 16.88 15.72 -19.44
C5 UQS P . 16.85 15.44 -18.06
C6 UQS P . 16.62 14.04 -17.51
C7 UQS P . 17.82 12.49 -19.18
C8 UQS P . 18.94 13.17 -19.59
N UQS P . 16.61 13.02 -18.56
C UQS P . 17.03 16.47 -17.16
C1 UQS P . 17.27 17.76 -17.61
C2 UQS P . 17.31 18.03 -18.98
C3 UQS P . 17.11 17.01 -19.90
C9 UQS P . 18.05 11.16 -19.48
F UQS P . 17.01 16.19 -15.83
N2 UQS P . 19.26 11.05 -20.04
C1 EDO Q . 12.11 6.29 -30.86
O1 EDO Q . 13.41 5.84 -30.49
C2 EDO Q . 11.42 7.04 -29.78
O2 EDO Q . 11.66 6.49 -28.51
C1 EDO R . 31.57 20.93 -28.43
O1 EDO R . 31.01 21.46 -29.61
C2 EDO R . 30.57 20.27 -27.54
O2 EDO R . 29.50 19.63 -28.21
S SO4 S . 27.75 -9.97 -19.76
O1 SO4 S . 26.79 -10.97 -19.33
O2 SO4 S . 28.29 -9.32 -18.60
O3 SO4 S . 27.10 -9.01 -20.60
O4 SO4 S . 28.80 -10.61 -20.50
N ALA T . 21.79 0.10 -10.76
CA ALA T . 20.78 -0.03 -11.86
C ALA T . 21.11 -1.25 -12.72
O ALA T . 22.02 -2.00 -12.43
CB ALA T . 20.73 1.23 -12.69
OXT ALA T . 20.42 -1.48 -13.72
N DGL U . 24.48 29.94 -33.19
CA DGL U . 23.66 29.30 -32.11
C DGL U . 22.80 28.18 -32.74
O DGL U . 22.34 27.25 -32.04
CB DGL U . 24.53 28.80 -30.96
CG DGL U . 25.76 27.99 -31.40
CD DGL U . 26.13 26.81 -30.51
OE1 DGL U . 25.95 26.91 -29.27
OE2 DGL U . 26.60 25.81 -31.06
OXT DGL U . 22.59 28.25 -33.98
N GLY V . 28.67 28.56 -35.59
CA GLY V . 27.34 27.96 -35.88
C GLY V . 26.36 28.99 -36.40
O GLY V . 25.61 29.57 -35.63
OXT GLY V . 26.31 29.29 -37.59
#